data_4ZB9
#
_entry.id   4ZB9
#
_cell.length_a   88.913
_cell.length_b   88.913
_cell.length_c   240.426
_cell.angle_alpha   90.00
_cell.angle_beta   90.00
_cell.angle_gamma   90.00
#
_symmetry.space_group_name_H-M   'P 41 21 2'
#
loop_
_entity.id
_entity.type
_entity.pdbx_description
1 polymer PcUre2p8
2 non-polymer 'OXIDIZED GLUTATHIONE DISULFIDE'
3 non-polymer 'CHLORIDE ION'
4 water water
#
_entity_poly.entity_id   1
_entity_poly.type   'polypeptide(L)'
_entity_poly.pdbx_seq_one_letter_code
;MASHDKQFSLFLHKASAHGWKVAFVLEELSLSYEIVLVDVAKNEQKSPEFMKLNPNGRTPALIDHGNSDFVIWESNAMVQ
YVADKYDTERKISMAPGTDDFYIQLQWQYFQGTGQGPYFGQLVWFTLYHEEKIPSAVTRYKEEALRVFSVLERVLSNQEW
LVGGKMTIADISFVSWNDMIVHFLDNFDFEKEFPATAAWHYKMLKRPTIKRPWDERRKLMSRQ
;
_entity_poly.pdbx_strand_id   A,B,C,D
#
loop_
_chem_comp.id
_chem_comp.type
_chem_comp.name
_chem_comp.formula
CL non-polymer 'CHLORIDE ION' 'Cl -1'
GDS non-polymer 'OXIDIZED GLUTATHIONE DISULFIDE' 'C20 H32 N6 O12 S2'
#
# COMPACT_ATOMS: atom_id res chain seq x y z
N SER A 3 -49.66 -6.77 -16.30
CA SER A 3 -50.19 -5.86 -17.30
C SER A 3 -50.10 -6.41 -18.72
N HIS A 4 -49.25 -7.43 -18.92
CA HIS A 4 -49.03 -8.01 -20.24
C HIS A 4 -48.99 -9.54 -20.22
N ASP A 5 -48.71 -10.14 -21.37
CA ASP A 5 -48.77 -11.60 -21.50
C ASP A 5 -47.57 -12.18 -22.25
N LYS A 6 -46.44 -11.51 -22.12
CA LYS A 6 -45.19 -11.99 -22.66
C LYS A 6 -44.46 -12.72 -21.54
N GLN A 7 -43.46 -13.52 -21.89
CA GLN A 7 -42.78 -14.34 -20.89
C GLN A 7 -41.93 -13.54 -19.88
N PHE A 8 -41.38 -12.40 -20.30
CA PHE A 8 -40.47 -11.66 -19.42
C PHE A 8 -40.89 -10.21 -19.14
N SER A 9 -40.53 -9.71 -17.96
CA SER A 9 -40.73 -8.32 -17.61
C SER A 9 -39.40 -7.62 -17.44
N LEU A 10 -38.80 -7.18 -18.55
CA LEU A 10 -37.50 -6.53 -18.49
C LEU A 10 -37.54 -5.07 -18.03
N PHE A 11 -37.11 -4.84 -16.79
CA PHE A 11 -36.99 -3.49 -16.25
C PHE A 11 -35.63 -2.90 -16.64
N LEU A 12 -35.63 -1.75 -17.31
CA LEU A 12 -34.38 -1.09 -17.66
C LEU A 12 -34.57 0.40 -17.74
N HIS A 13 -33.46 1.12 -17.78
CA HIS A 13 -33.47 2.53 -18.05
C HIS A 13 -32.91 2.73 -19.46
N LYS A 14 -33.52 3.63 -20.23
CA LYS A 14 -33.26 3.77 -21.67
C LYS A 14 -31.82 4.12 -22.08
N ALA A 15 -31.21 5.08 -21.41
CA ALA A 15 -29.84 5.47 -21.74
C ALA A 15 -28.79 4.51 -21.16
N SER A 16 -29.21 3.35 -20.69
CA SER A 16 -28.26 2.38 -20.15
C SER A 16 -27.91 1.29 -21.16
N ALA A 17 -26.63 0.93 -21.24
CA ALA A 17 -26.16 -0.18 -22.05
C ALA A 17 -26.69 -1.56 -21.61
N HIS A 18 -27.07 -1.68 -20.35
CA HIS A 18 -27.20 -3.01 -19.75
C HIS A 18 -28.49 -3.76 -20.09
N GLY A 19 -29.61 -3.07 -19.96
CA GLY A 19 -30.91 -3.68 -20.21
C GLY A 19 -31.06 -4.01 -21.68
N TRP A 20 -30.50 -3.16 -22.53
CA TRP A 20 -30.51 -3.40 -23.97
C TRP A 20 -29.67 -4.62 -24.33
N LYS A 21 -28.58 -4.82 -23.60
CA LYS A 21 -27.74 -6.02 -23.71
C LYS A 21 -28.60 -7.27 -23.50
N VAL A 22 -29.54 -7.18 -22.57
CA VAL A 22 -30.44 -8.28 -22.25
C VAL A 22 -31.59 -8.29 -23.27
N ALA A 23 -31.87 -7.11 -23.82
CA ALA A 23 -32.91 -7.02 -24.81
C ALA A 23 -32.50 -7.77 -26.08
N PHE A 24 -31.25 -7.55 -26.49
CA PHE A 24 -30.67 -8.26 -27.63
C PHE A 24 -30.86 -9.75 -27.49
N VAL A 25 -30.52 -10.26 -26.31
CA VAL A 25 -30.50 -11.70 -26.10
C VAL A 25 -31.90 -12.28 -26.11
N LEU A 26 -32.84 -11.59 -25.48
CA LEU A 26 -34.23 -12.02 -25.51
C LEU A 26 -34.75 -12.06 -26.95
N GLU A 27 -34.32 -11.10 -27.76
CA GLU A 27 -34.63 -11.03 -29.19
C GLU A 27 -34.01 -12.20 -29.92
N GLU A 28 -32.72 -12.40 -29.68
CA GLU A 28 -31.98 -13.48 -30.31
C GLU A 28 -32.64 -14.83 -30.01
N LEU A 29 -33.14 -15.00 -28.79
CA LEU A 29 -33.67 -16.29 -28.36
C LEU A 29 -35.15 -16.49 -28.68
N SER A 30 -35.71 -15.56 -29.46
CA SER A 30 -37.12 -15.60 -29.84
C SER A 30 -38.04 -15.61 -28.62
N LEU A 31 -37.70 -14.81 -27.62
CA LEU A 31 -38.47 -14.75 -26.40
C LEU A 31 -39.29 -13.48 -26.38
N SER A 32 -40.56 -13.61 -26.00
CA SER A 32 -41.40 -12.44 -25.77
C SER A 32 -40.98 -11.79 -24.45
N TYR A 33 -41.21 -10.49 -24.35
CA TYR A 33 -40.82 -9.76 -23.16
C TYR A 33 -41.40 -8.35 -23.22
N GLU A 34 -41.57 -7.72 -22.06
CA GLU A 34 -42.17 -6.40 -21.97
C GLU A 34 -41.24 -5.38 -21.30
N ILE A 35 -40.75 -4.43 -22.08
CA ILE A 35 -39.87 -3.39 -21.55
C ILE A 35 -40.61 -2.52 -20.54
N VAL A 36 -40.20 -2.59 -19.28
CA VAL A 36 -40.78 -1.72 -18.27
C VAL A 36 -39.77 -0.64 -17.89
N LEU A 37 -40.00 0.58 -18.37
CA LEU A 37 -39.06 1.67 -18.17
C LEU A 37 -39.00 2.12 -16.70
N VAL A 38 -37.78 2.25 -16.18
CA VAL A 38 -37.58 2.77 -14.84
C VAL A 38 -36.70 4.01 -14.95
N ASP A 39 -37.28 5.17 -14.68
CA ASP A 39 -36.64 6.43 -15.00
C ASP A 39 -35.60 6.88 -13.97
N VAL A 40 -34.34 6.90 -14.41
CA VAL A 40 -33.24 7.20 -13.52
C VAL A 40 -33.14 8.70 -13.22
N ALA A 41 -33.49 9.52 -14.21
CA ALA A 41 -33.60 10.96 -13.99
C ALA A 41 -34.58 11.23 -12.84
N LYS A 42 -35.59 10.37 -12.73
CA LYS A 42 -36.58 10.47 -11.68
C LYS A 42 -36.16 9.73 -10.44
N ASN A 43 -34.94 9.19 -10.45
CA ASN A 43 -34.44 8.39 -9.33
C ASN A 43 -35.44 7.26 -9.03
N GLU A 44 -36.02 6.69 -10.09
CA GLU A 44 -37.02 5.63 -9.91
C GLU A 44 -36.43 4.28 -9.55
N GLN A 45 -35.11 4.15 -9.62
CA GLN A 45 -34.42 2.93 -9.24
C GLN A 45 -34.31 2.80 -7.72
N LYS A 46 -34.61 3.86 -7.00
CA LYS A 46 -34.45 3.86 -5.54
C LYS A 46 -35.81 3.82 -4.83
N SER A 47 -36.86 3.53 -5.57
CA SER A 47 -38.18 3.43 -4.98
C SER A 47 -38.37 2.06 -4.32
N PRO A 48 -39.18 1.99 -3.25
CA PRO A 48 -39.53 0.75 -2.53
C PRO A 48 -39.86 -0.44 -3.44
N GLU A 49 -40.50 -0.19 -4.57
CA GLU A 49 -40.99 -1.27 -5.43
C GLU A 49 -39.87 -1.90 -6.23
N PHE A 50 -39.02 -1.08 -6.84
CA PHE A 50 -37.91 -1.61 -7.61
C PHE A 50 -36.82 -2.25 -6.73
N MET A 51 -36.70 -1.83 -5.47
CA MET A 51 -35.73 -2.41 -4.56
C MET A 51 -36.22 -3.76 -4.06
N LYS A 52 -37.54 -3.97 -4.12
CA LYS A 52 -38.14 -5.26 -3.82
C LYS A 52 -37.64 -6.27 -4.84
N LEU A 53 -37.24 -5.77 -6.01
CA LEU A 53 -36.71 -6.61 -7.08
C LEU A 53 -35.16 -6.62 -7.10
N ASN A 54 -34.56 -5.43 -7.10
CA ASN A 54 -33.10 -5.29 -7.01
C ASN A 54 -32.66 -4.46 -5.80
N PRO A 55 -32.17 -5.13 -4.74
CA PRO A 55 -31.68 -4.41 -3.56
C PRO A 55 -30.50 -3.45 -3.83
N ASN A 56 -29.85 -3.56 -4.99
CA ASN A 56 -28.76 -2.65 -5.35
C ASN A 56 -29.36 -1.34 -5.87
N GLY A 57 -30.65 -1.37 -6.17
CA GLY A 57 -31.31 -0.20 -6.72
C GLY A 57 -30.66 0.28 -7.99
N ARG A 58 -30.52 -0.64 -8.95
CA ARG A 58 -29.93 -0.30 -10.24
C ARG A 58 -30.62 -1.12 -11.33
N THR A 59 -30.90 -0.49 -12.46
CA THR A 59 -31.44 -1.19 -13.61
C THR A 59 -30.28 -1.90 -14.29
N PRO A 60 -30.52 -3.07 -14.91
CA PRO A 60 -31.80 -3.75 -15.14
C PRO A 60 -32.12 -4.90 -14.18
N ALA A 61 -33.28 -5.54 -14.37
CA ALA A 61 -33.73 -6.68 -13.57
C ALA A 61 -34.73 -7.51 -14.36
N LEU A 62 -34.76 -8.81 -14.12
CA LEU A 62 -35.55 -9.72 -14.95
C LEU A 62 -36.61 -10.48 -14.15
N ILE A 63 -37.82 -10.61 -14.71
CA ILE A 63 -38.87 -11.45 -14.13
C ILE A 63 -39.36 -12.48 -15.15
N ASP A 64 -39.09 -13.76 -14.88
CA ASP A 64 -39.45 -14.86 -15.79
C ASP A 64 -40.79 -15.45 -15.40
N HIS A 65 -41.82 -15.13 -16.18
CA HIS A 65 -43.17 -15.60 -15.88
C HIS A 65 -43.41 -17.04 -16.33
N GLY A 66 -42.41 -17.61 -17.01
CA GLY A 66 -42.41 -19.02 -17.35
C GLY A 66 -41.67 -19.83 -16.30
N ASN A 67 -41.10 -19.12 -15.32
CA ASN A 67 -40.43 -19.75 -14.18
C ASN A 67 -40.99 -19.21 -12.86
N SER A 68 -42.31 -19.08 -12.83
CA SER A 68 -43.06 -18.67 -11.63
C SER A 68 -42.66 -17.30 -11.09
N ASP A 69 -42.55 -16.33 -12.00
CA ASP A 69 -42.19 -14.95 -11.68
C ASP A 69 -40.82 -14.86 -10.99
N PHE A 70 -39.87 -15.66 -11.48
CA PHE A 70 -38.50 -15.65 -11.00
C PHE A 70 -37.85 -14.27 -11.14
N VAL A 71 -37.07 -13.84 -10.15
CA VAL A 71 -36.46 -12.51 -10.17
C VAL A 71 -34.93 -12.62 -10.11
N ILE A 72 -34.26 -11.84 -10.93
CA ILE A 72 -32.80 -11.86 -11.00
C ILE A 72 -32.32 -10.55 -11.60
N TRP A 73 -31.17 -10.08 -11.12
CA TRP A 73 -30.57 -8.86 -11.64
C TRP A 73 -29.09 -9.12 -11.91
N GLU A 74 -28.35 -8.07 -12.23
CA GLU A 74 -27.05 -8.15 -12.88
C GLU A 74 -27.26 -8.59 -14.33
N SER A 75 -27.20 -7.60 -15.22
CA SER A 75 -27.42 -7.78 -16.65
C SER A 75 -26.71 -8.98 -17.23
N ASN A 76 -25.45 -9.21 -16.85
CA ASN A 76 -24.73 -10.42 -17.34
C ASN A 76 -25.20 -11.72 -16.71
N ALA A 77 -25.71 -11.64 -15.49
CA ALA A 77 -26.26 -12.80 -14.78
C ALA A 77 -27.64 -13.12 -15.32
N MET A 78 -28.34 -12.11 -15.80
CA MET A 78 -29.63 -12.30 -16.44
C MET A 78 -29.44 -12.96 -17.79
N VAL A 79 -28.54 -12.40 -18.59
CA VAL A 79 -28.20 -12.96 -19.89
C VAL A 79 -27.83 -14.42 -19.75
N GLN A 80 -26.99 -14.73 -18.78
CA GLN A 80 -26.52 -16.10 -18.60
C GLN A 80 -27.65 -17.07 -18.26
N TYR A 81 -28.68 -16.57 -17.58
CA TYR A 81 -29.79 -17.40 -17.13
C TYR A 81 -30.65 -17.83 -18.31
N VAL A 82 -30.86 -16.93 -19.25
CA VAL A 82 -31.80 -17.19 -20.33
C VAL A 82 -31.10 -17.91 -21.49
N ALA A 83 -29.80 -17.69 -21.63
CA ALA A 83 -29.01 -18.41 -22.63
C ALA A 83 -28.85 -19.88 -22.19
N ASP A 84 -28.84 -20.10 -20.89
CA ASP A 84 -28.67 -21.45 -20.34
C ASP A 84 -29.99 -22.22 -20.25
N LYS A 85 -31.05 -21.54 -19.85
CA LYS A 85 -32.32 -22.20 -19.59
C LYS A 85 -33.14 -22.41 -20.86
N TYR A 86 -32.80 -21.68 -21.92
CA TYR A 86 -33.63 -21.65 -23.13
C TYR A 86 -32.92 -22.03 -24.45
N ASP A 87 -31.86 -21.30 -24.78
CA ASP A 87 -31.07 -21.58 -25.98
C ASP A 87 -30.60 -23.03 -25.99
N THR A 88 -31.56 -23.94 -26.16
CA THR A 88 -31.26 -25.36 -26.15
C THR A 88 -30.53 -25.79 -27.43
N GLU A 89 -30.81 -25.13 -28.54
CA GLU A 89 -30.09 -25.47 -29.77
C GLU A 89 -28.65 -24.94 -29.71
N ARG A 90 -28.39 -24.12 -28.70
CA ARG A 90 -27.08 -23.51 -28.49
C ARG A 90 -26.62 -22.72 -29.72
N LYS A 91 -27.50 -21.85 -30.20
CA LYS A 91 -27.20 -21.04 -31.39
C LYS A 91 -26.16 -20.01 -31.05
N ILE A 92 -26.33 -19.38 -29.90
CA ILE A 92 -25.46 -18.30 -29.48
C ILE A 92 -24.92 -18.50 -28.05
N SER A 93 -24.74 -19.77 -27.69
CA SER A 93 -24.18 -20.16 -26.39
C SER A 93 -23.20 -21.34 -26.53
N MET A 94 -22.39 -21.56 -25.50
CA MET A 94 -21.56 -22.76 -25.39
C MET A 94 -22.28 -23.74 -24.48
N ALA A 95 -21.90 -25.02 -24.55
CA ALA A 95 -22.52 -26.02 -23.68
C ALA A 95 -22.23 -25.78 -22.19
N PRO A 96 -23.29 -25.66 -21.39
CA PRO A 96 -23.19 -25.53 -19.93
C PRO A 96 -22.64 -26.79 -19.32
N GLY A 97 -21.36 -26.78 -18.94
CA GLY A 97 -20.69 -27.98 -18.48
C GLY A 97 -19.35 -28.17 -19.18
N THR A 98 -19.23 -27.59 -20.37
CA THR A 98 -17.98 -27.63 -21.11
C THR A 98 -17.01 -26.55 -20.62
N ASP A 99 -15.73 -26.78 -20.88
CA ASP A 99 -14.67 -25.82 -20.61
C ASP A 99 -14.77 -24.54 -21.46
N ASP A 100 -15.39 -24.66 -22.63
CA ASP A 100 -15.69 -23.47 -23.43
C ASP A 100 -16.66 -22.58 -22.68
N PHE A 101 -17.55 -23.19 -21.91
CA PHE A 101 -18.57 -22.43 -21.19
C PHE A 101 -17.91 -21.39 -20.31
N TYR A 102 -16.82 -21.80 -19.67
CA TYR A 102 -16.16 -20.96 -18.69
C TYR A 102 -15.19 -19.95 -19.31
N ILE A 103 -14.80 -20.18 -20.56
CA ILE A 103 -14.11 -19.17 -21.36
C ILE A 103 -15.12 -18.12 -21.80
N GLN A 104 -16.37 -18.55 -21.98
CA GLN A 104 -17.46 -17.65 -22.35
C GLN A 104 -17.90 -16.82 -21.13
N LEU A 105 -17.72 -17.40 -19.95
CA LEU A 105 -18.06 -16.71 -18.71
C LEU A 105 -16.97 -15.68 -18.39
N GLN A 106 -15.74 -16.06 -18.64
CA GLN A 106 -14.60 -15.16 -18.46
C GLN A 106 -14.79 -13.88 -19.26
N TRP A 107 -15.24 -14.01 -20.48
CA TRP A 107 -15.38 -12.85 -21.35
C TRP A 107 -16.53 -11.95 -20.91
N GLN A 108 -17.61 -12.58 -20.42
CA GLN A 108 -18.74 -11.81 -19.89
C GLN A 108 -18.32 -11.01 -18.64
N TYR A 109 -17.45 -11.58 -17.82
CA TYR A 109 -16.90 -10.88 -16.68
C TYR A 109 -15.98 -9.76 -17.12
N PHE A 110 -15.23 -9.96 -18.20
CA PHE A 110 -14.40 -8.89 -18.71
C PHE A 110 -15.29 -7.76 -19.16
N GLN A 111 -16.42 -8.12 -19.76
CA GLN A 111 -17.41 -7.12 -20.17
C GLN A 111 -18.01 -6.44 -18.93
N GLY A 112 -18.60 -7.24 -18.05
CA GLY A 112 -19.18 -6.74 -16.80
C GLY A 112 -18.25 -5.93 -15.88
N THR A 113 -17.02 -6.39 -15.71
CA THR A 113 -16.12 -5.76 -14.74
C THR A 113 -15.11 -4.82 -15.37
N GLY A 114 -14.82 -5.00 -16.65
CA GLY A 114 -13.74 -4.25 -17.26
C GLY A 114 -14.25 -3.13 -18.15
N GLN A 115 -15.09 -3.49 -19.12
CA GLN A 115 -15.73 -2.52 -20.01
C GLN A 115 -16.71 -1.60 -19.28
N GLY A 116 -17.83 -2.16 -18.83
CA GLY A 116 -18.89 -1.37 -18.22
C GLY A 116 -18.50 -0.26 -17.23
N PRO A 117 -17.83 -0.64 -16.14
CA PRO A 117 -17.48 0.32 -15.09
C PRO A 117 -16.61 1.48 -15.60
N TYR A 118 -15.65 1.19 -16.46
CA TYR A 118 -14.72 2.21 -16.91
C TYR A 118 -15.32 3.06 -18.03
N PHE A 119 -16.23 2.46 -18.79
CA PHE A 119 -16.99 3.17 -19.78
C PHE A 119 -17.91 4.08 -18.99
N GLY A 120 -18.50 3.50 -17.94
CA GLY A 120 -19.45 4.20 -17.11
C GLY A 120 -18.82 5.39 -16.42
N GLN A 121 -17.58 5.26 -15.98
CA GLN A 121 -16.96 6.38 -15.30
C GLN A 121 -16.54 7.44 -16.32
N LEU A 122 -16.32 7.04 -17.57
CA LEU A 122 -16.00 8.04 -18.57
C LEU A 122 -17.21 8.94 -18.77
N VAL A 123 -18.37 8.32 -19.00
CA VAL A 123 -19.59 9.05 -19.27
C VAL A 123 -19.89 9.96 -18.09
N TRP A 124 -19.78 9.41 -16.89
CA TRP A 124 -20.02 10.17 -15.66
C TRP A 124 -19.20 11.47 -15.53
N PHE A 125 -17.89 11.40 -15.70
CA PHE A 125 -17.09 12.61 -15.49
C PHE A 125 -17.22 13.61 -16.64
N THR A 126 -17.85 13.16 -17.72
CA THR A 126 -18.06 14.00 -18.89
C THR A 126 -19.34 14.82 -18.75
N LEU A 127 -20.39 14.18 -18.27
CA LEU A 127 -21.70 14.80 -18.19
C LEU A 127 -22.20 15.14 -16.80
N TYR A 128 -22.00 14.22 -15.88
CA TYR A 128 -22.78 14.25 -14.64
C TYR A 128 -21.98 14.60 -13.40
N HIS A 129 -20.68 14.44 -13.46
CA HIS A 129 -19.90 14.73 -12.27
C HIS A 129 -20.01 16.22 -11.95
N GLU A 130 -20.12 16.52 -10.66
CA GLU A 130 -20.46 17.85 -10.19
C GLU A 130 -19.43 18.94 -10.48
N GLU A 131 -18.20 18.55 -10.80
CA GLU A 131 -17.24 19.52 -11.31
C GLU A 131 -16.54 18.89 -12.50
N LYS A 132 -15.89 19.69 -13.35
CA LYS A 132 -15.31 19.17 -14.57
C LYS A 132 -13.83 18.87 -14.38
N ILE A 133 -13.45 17.60 -14.42
CA ILE A 133 -12.05 17.23 -14.18
C ILE A 133 -11.42 16.60 -15.42
N PRO A 134 -10.64 17.39 -16.18
CA PRO A 134 -9.95 16.85 -17.35
C PRO A 134 -9.22 15.52 -17.06
N SER A 135 -8.46 15.48 -15.97
CA SER A 135 -7.63 14.32 -15.62
C SER A 135 -8.45 13.04 -15.37
N ALA A 136 -9.62 13.19 -14.78
CA ALA A 136 -10.51 12.04 -14.57
C ALA A 136 -11.10 11.59 -15.91
N VAL A 137 -11.50 12.56 -16.72
CA VAL A 137 -11.99 12.30 -18.06
C VAL A 137 -10.89 11.65 -18.91
N THR A 138 -9.67 12.17 -18.80
CA THR A 138 -8.51 11.62 -19.48
C THR A 138 -8.21 10.19 -19.03
N ARG A 139 -8.40 9.92 -17.74
CA ARG A 139 -8.11 8.59 -17.20
C ARG A 139 -9.04 7.52 -17.75
N TYR A 140 -10.35 7.76 -17.74
CA TYR A 140 -11.22 6.74 -18.29
C TYR A 140 -11.22 6.63 -19.84
N LYS A 141 -10.92 7.73 -20.53
CA LYS A 141 -10.68 7.68 -21.98
C LYS A 141 -9.60 6.68 -22.29
N GLU A 142 -8.44 6.90 -21.67
CA GLU A 142 -7.30 5.99 -21.76
C GLU A 142 -7.74 4.56 -21.49
N GLU A 143 -8.39 4.36 -20.36
CA GLU A 143 -8.83 3.03 -19.97
C GLU A 143 -9.76 2.41 -21.00
N ALA A 144 -10.73 3.19 -21.47
CA ALA A 144 -11.66 2.72 -22.48
C ALA A 144 -10.93 2.30 -23.77
N LEU A 145 -9.95 3.10 -24.20
CA LEU A 145 -9.13 2.73 -25.34
C LEU A 145 -8.35 1.45 -25.04
N ARG A 146 -7.89 1.29 -23.81
CA ARG A 146 -7.16 0.10 -23.45
C ARG A 146 -8.04 -1.13 -23.65
N VAL A 147 -9.30 -1.03 -23.27
CA VAL A 147 -10.23 -2.14 -23.40
C VAL A 147 -10.31 -2.55 -24.88
N PHE A 148 -10.41 -1.57 -25.76
CA PHE A 148 -10.45 -1.86 -27.19
C PHE A 148 -9.22 -2.65 -27.64
N SER A 149 -8.03 -2.24 -27.20
CA SER A 149 -6.81 -2.94 -27.59
C SER A 149 -6.77 -4.37 -27.07
N VAL A 150 -7.51 -4.65 -26.01
CA VAL A 150 -7.59 -6.01 -25.50
C VAL A 150 -8.43 -6.87 -26.44
N LEU A 151 -9.60 -6.36 -26.80
CA LEU A 151 -10.45 -7.06 -27.77
C LEU A 151 -9.70 -7.27 -29.09
N GLU A 152 -9.05 -6.21 -29.57
CA GLU A 152 -8.41 -6.21 -30.87
C GLU A 152 -7.30 -7.25 -30.90
N ARG A 153 -6.57 -7.34 -29.80
CA ARG A 153 -5.46 -8.30 -29.72
C ARG A 153 -6.00 -9.72 -29.93
N VAL A 154 -7.28 -9.90 -29.61
CA VAL A 154 -7.96 -11.17 -29.75
C VAL A 154 -8.66 -11.38 -31.11
N LEU A 155 -9.45 -10.41 -31.53
CA LEU A 155 -10.31 -10.58 -32.70
C LEU A 155 -9.56 -10.46 -34.02
N SER A 156 -8.30 -10.06 -33.94
CA SER A 156 -7.47 -10.03 -35.12
C SER A 156 -6.94 -11.44 -35.42
N ASN A 157 -7.08 -12.36 -34.47
CA ASN A 157 -6.58 -13.72 -34.69
C ASN A 157 -7.65 -14.81 -34.60
N GLN A 158 -8.88 -14.38 -34.34
CA GLN A 158 -10.02 -15.29 -34.31
C GLN A 158 -11.26 -14.42 -34.44
N GLU A 159 -12.27 -14.88 -35.17
CA GLU A 159 -13.39 -14.00 -35.49
C GLU A 159 -14.42 -13.90 -34.39
N TRP A 160 -14.31 -14.78 -33.39
CA TRP A 160 -15.21 -14.75 -32.25
C TRP A 160 -14.45 -15.00 -30.94
N LEU A 161 -15.06 -14.62 -29.83
CA LEU A 161 -14.42 -14.76 -28.52
C LEU A 161 -14.30 -16.23 -28.09
N VAL A 162 -15.35 -17.04 -28.30
CA VAL A 162 -15.29 -18.46 -27.95
C VAL A 162 -16.20 -19.38 -28.77
N GLY A 163 -15.64 -20.51 -29.19
CA GLY A 163 -16.39 -21.56 -29.88
C GLY A 163 -16.51 -21.44 -31.40
N GLY A 164 -15.87 -20.43 -31.99
CA GLY A 164 -15.92 -20.20 -33.43
C GLY A 164 -17.29 -19.73 -33.90
N LYS A 165 -18.11 -19.33 -32.95
CA LYS A 165 -19.51 -19.02 -33.18
C LYS A 165 -19.77 -17.66 -32.55
N MET A 166 -20.81 -16.96 -32.98
CA MET A 166 -21.22 -15.77 -32.23
C MET A 166 -21.93 -16.18 -30.95
N THR A 167 -21.54 -15.57 -29.85
CA THR A 167 -22.04 -15.94 -28.55
C THR A 167 -22.40 -14.72 -27.72
N ILE A 168 -23.15 -14.93 -26.65
CA ILE A 168 -23.44 -13.87 -25.69
C ILE A 168 -22.18 -13.21 -25.16
N ALA A 169 -21.06 -13.91 -25.25
CA ALA A 169 -19.78 -13.29 -24.97
C ALA A 169 -19.61 -12.06 -25.86
N ASP A 170 -19.68 -12.28 -27.17
CA ASP A 170 -19.50 -11.20 -28.15
C ASP A 170 -20.58 -10.15 -28.00
N ILE A 171 -21.82 -10.62 -27.98
CA ILE A 171 -23.02 -9.80 -27.99
C ILE A 171 -23.06 -8.73 -26.90
N SER A 172 -22.55 -9.09 -25.72
CA SER A 172 -22.69 -8.26 -24.53
C SER A 172 -21.81 -7.03 -24.56
N PHE A 173 -20.88 -6.96 -25.50
CA PHE A 173 -20.05 -5.78 -25.63
C PHE A 173 -20.70 -4.75 -26.54
N VAL A 174 -21.78 -5.14 -27.21
CA VAL A 174 -22.25 -4.37 -28.35
C VAL A 174 -22.79 -3.01 -27.94
N SER A 175 -23.67 -3.00 -26.93
CA SER A 175 -24.36 -1.78 -26.54
C SER A 175 -23.41 -0.72 -25.98
N TRP A 176 -22.49 -1.14 -25.10
CA TRP A 176 -21.51 -0.19 -24.59
C TRP A 176 -20.57 0.29 -25.68
N ASN A 177 -20.22 -0.61 -26.60
CA ASN A 177 -19.29 -0.25 -27.65
C ASN A 177 -19.92 0.77 -28.60
N ASP A 178 -21.22 0.65 -28.85
CA ASP A 178 -21.86 1.65 -29.69
C ASP A 178 -22.02 3.01 -28.99
N MET A 179 -22.17 2.99 -27.67
CA MET A 179 -22.41 4.20 -26.90
C MET A 179 -21.16 5.04 -26.67
N ILE A 180 -20.05 4.37 -26.39
CA ILE A 180 -18.84 5.02 -25.93
C ILE A 180 -18.17 5.87 -27.01
N VAL A 181 -18.43 5.53 -28.27
CA VAL A 181 -17.67 6.11 -29.37
C VAL A 181 -17.76 7.63 -29.37
N HIS A 182 -18.84 8.16 -28.84
CA HIS A 182 -19.08 9.61 -28.83
C HIS A 182 -18.42 10.29 -27.62
N PHE A 183 -17.83 9.51 -26.72
CA PHE A 183 -17.08 10.08 -25.61
C PHE A 183 -15.59 9.96 -25.82
N LEU A 184 -15.21 9.66 -27.06
CA LEU A 184 -13.81 9.68 -27.44
C LEU A 184 -13.59 10.79 -28.47
N ASP A 185 -12.51 11.54 -28.32
CA ASP A 185 -12.21 12.58 -29.30
C ASP A 185 -11.46 12.02 -30.51
N ASN A 186 -11.74 12.61 -31.67
CA ASN A 186 -11.11 12.23 -32.94
C ASN A 186 -11.06 10.71 -33.16
N PHE A 187 -12.13 10.01 -32.82
CA PHE A 187 -12.10 8.55 -32.80
C PHE A 187 -12.63 7.88 -34.08
N ASP A 188 -11.77 7.07 -34.71
CA ASP A 188 -12.07 6.31 -35.95
C ASP A 188 -11.94 4.78 -35.72
N PHE A 189 -13.04 4.16 -35.29
CA PHE A 189 -13.15 2.75 -34.94
C PHE A 189 -12.38 1.80 -35.84
N GLU A 190 -12.59 1.91 -37.14
CA GLU A 190 -11.95 1.02 -38.10
C GLU A 190 -10.46 1.29 -38.19
N LYS A 191 -10.09 2.55 -38.25
CA LYS A 191 -8.69 2.93 -38.35
C LYS A 191 -7.97 2.55 -37.08
N GLU A 192 -8.63 2.77 -35.94
CA GLU A 192 -8.07 2.51 -34.62
C GLU A 192 -8.13 1.04 -34.20
N PHE A 193 -9.29 0.41 -34.38
CA PHE A 193 -9.45 -0.97 -33.94
C PHE A 193 -10.27 -1.74 -34.96
N PRO A 194 -9.62 -2.07 -36.10
CA PRO A 194 -10.26 -2.62 -37.30
C PRO A 194 -10.97 -3.96 -37.09
N ALA A 195 -10.32 -4.89 -36.40
CA ALA A 195 -10.94 -6.18 -36.14
C ALA A 195 -12.20 -6.03 -35.29
N THR A 196 -12.05 -5.27 -34.20
CA THR A 196 -13.16 -5.02 -33.28
C THR A 196 -14.29 -4.23 -33.95
N ALA A 197 -13.90 -3.20 -34.70
CA ALA A 197 -14.83 -2.45 -35.52
C ALA A 197 -15.73 -3.38 -36.33
N ALA A 198 -15.12 -4.24 -37.12
CA ALA A 198 -15.87 -5.12 -38.01
C ALA A 198 -16.70 -6.10 -37.21
N TRP A 199 -16.05 -6.69 -36.23
CA TRP A 199 -16.75 -7.58 -35.29
C TRP A 199 -18.03 -6.92 -34.71
N HIS A 200 -17.91 -5.70 -34.23
CA HIS A 200 -19.04 -4.98 -33.65
C HIS A 200 -20.17 -4.75 -34.65
N TYR A 201 -19.87 -3.93 -35.65
CA TYR A 201 -20.79 -3.59 -36.73
C TYR A 201 -21.53 -4.79 -37.27
N LYS A 202 -20.79 -5.86 -37.53
CA LYS A 202 -21.39 -7.10 -38.00
C LYS A 202 -22.59 -7.49 -37.15
N MET A 203 -22.36 -7.63 -35.86
CA MET A 203 -23.41 -8.03 -34.93
C MET A 203 -24.51 -6.98 -34.93
N LEU A 204 -24.12 -5.71 -35.02
CA LEU A 204 -25.08 -4.62 -34.91
C LEU A 204 -26.00 -4.54 -36.12
N LYS A 205 -25.64 -5.26 -37.18
CA LYS A 205 -26.48 -5.37 -38.37
C LYS A 205 -27.65 -6.30 -38.10
N ARG A 206 -27.41 -7.35 -37.31
CA ARG A 206 -28.40 -8.39 -37.11
C ARG A 206 -29.70 -7.80 -36.60
N PRO A 207 -30.81 -8.04 -37.33
CA PRO A 207 -32.15 -7.53 -37.01
C PRO A 207 -32.62 -7.99 -35.65
N THR A 208 -32.17 -9.17 -35.22
CA THR A 208 -32.29 -9.59 -33.83
C THR A 208 -31.72 -8.53 -32.92
N ILE A 209 -30.49 -8.10 -33.22
CA ILE A 209 -29.83 -7.07 -32.43
C ILE A 209 -30.31 -5.68 -32.83
N LYS A 210 -30.56 -5.48 -34.12
CA LYS A 210 -30.91 -4.16 -34.64
C LYS A 210 -32.27 -3.65 -34.14
N ARG A 211 -33.19 -4.56 -33.84
CA ARG A 211 -34.54 -4.16 -33.40
C ARG A 211 -34.58 -3.37 -32.08
N PRO A 212 -34.13 -3.97 -30.96
CA PRO A 212 -34.30 -3.20 -29.72
C PRO A 212 -33.42 -1.96 -29.68
N TRP A 213 -32.26 -2.02 -30.35
CA TRP A 213 -31.32 -0.90 -30.39
C TRP A 213 -31.90 0.25 -31.20
N ASP A 214 -32.74 -0.10 -32.18
CA ASP A 214 -33.51 0.88 -32.94
C ASP A 214 -34.51 1.55 -32.00
N GLU A 215 -35.07 0.77 -31.08
CA GLU A 215 -36.12 1.26 -30.18
C GLU A 215 -35.49 2.15 -29.12
N ARG A 216 -34.25 1.84 -28.77
CA ARG A 216 -33.48 2.68 -27.86
C ARG A 216 -33.19 4.04 -28.48
N ARG A 217 -33.10 4.08 -29.81
CA ARG A 217 -32.79 5.33 -30.49
C ARG A 217 -33.95 6.31 -30.41
N LYS A 218 -35.17 5.78 -30.53
CA LYS A 218 -36.39 6.59 -30.57
C LYS A 218 -36.71 7.08 -29.18
N LEU A 219 -36.65 6.14 -28.24
CA LEU A 219 -36.73 6.44 -26.82
C LEU A 219 -35.38 6.98 -26.40
N MET A 220 -35.05 8.19 -26.88
CA MET A 220 -33.78 8.87 -26.60
C MET A 220 -33.66 10.04 -27.59
N SER A 221 -34.74 10.27 -28.33
CA SER A 221 -34.77 11.29 -29.37
C SER A 221 -34.70 12.71 -28.80
N SER B 3 8.71 -26.02 -12.38
CA SER B 3 7.50 -25.67 -11.64
C SER B 3 7.27 -26.50 -10.37
N HIS B 4 6.06 -27.02 -10.23
CA HIS B 4 5.64 -27.69 -9.02
C HIS B 4 4.81 -28.92 -9.36
N ASP B 5 4.14 -29.49 -8.36
CA ASP B 5 3.34 -30.69 -8.55
C ASP B 5 1.86 -30.41 -8.32
N LYS B 6 1.57 -29.17 -7.95
CA LYS B 6 0.21 -28.74 -7.63
C LYS B 6 -0.71 -28.87 -8.83
N GLN B 7 -2.00 -29.04 -8.56
CA GLN B 7 -2.97 -29.11 -9.64
C GLN B 7 -3.10 -27.75 -10.30
N PHE B 8 -3.16 -26.69 -9.48
CA PHE B 8 -3.35 -25.36 -10.01
C PHE B 8 -2.14 -24.45 -9.91
N SER B 9 -1.85 -23.72 -10.98
CA SER B 9 -0.98 -22.56 -10.92
C SER B 9 -1.83 -21.30 -10.86
N LEU B 10 -1.76 -20.59 -9.73
CA LEU B 10 -2.49 -19.34 -9.54
C LEU B 10 -1.54 -18.16 -9.52
N PHE B 11 -1.59 -17.37 -10.59
CA PHE B 11 -0.79 -16.16 -10.76
C PHE B 11 -1.53 -14.96 -10.20
N LEU B 12 -1.02 -14.35 -9.12
CA LEU B 12 -1.63 -13.12 -8.59
C LEU B 12 -0.66 -11.96 -8.40
N HIS B 13 -1.25 -10.77 -8.23
CA HIS B 13 -0.56 -9.60 -7.70
C HIS B 13 -0.85 -9.60 -6.20
N LYS B 14 0.20 -9.65 -5.38
CA LYS B 14 0.06 -9.79 -3.92
C LYS B 14 -0.80 -8.70 -3.30
N ALA B 15 -0.81 -7.52 -3.91
CA ALA B 15 -1.57 -6.39 -3.38
C ALA B 15 -3.02 -6.45 -3.77
N SER B 16 -3.40 -7.43 -4.57
CA SER B 16 -4.74 -7.39 -5.14
C SER B 16 -5.73 -8.22 -4.36
N ALA B 17 -7.00 -7.86 -4.48
CA ALA B 17 -8.07 -8.57 -3.81
C ALA B 17 -8.38 -9.87 -4.55
N HIS B 18 -8.23 -9.82 -5.87
CA HIS B 18 -8.76 -10.85 -6.79
C HIS B 18 -8.14 -12.25 -6.68
N GLY B 19 -6.81 -12.31 -6.66
CA GLY B 19 -6.12 -13.58 -6.60
C GLY B 19 -6.33 -14.37 -5.32
N TRP B 20 -6.40 -13.67 -4.19
CA TRP B 20 -6.52 -14.33 -2.89
C TRP B 20 -7.93 -14.92 -2.73
N LYS B 21 -8.89 -14.33 -3.44
CA LYS B 21 -10.28 -14.79 -3.44
C LYS B 21 -10.36 -16.16 -4.10
N VAL B 22 -9.66 -16.32 -5.20
CA VAL B 22 -9.50 -17.66 -5.75
C VAL B 22 -8.74 -18.58 -4.76
N ALA B 23 -7.71 -18.05 -4.10
CA ALA B 23 -6.98 -18.84 -3.09
C ALA B 23 -7.93 -19.35 -2.00
N PHE B 24 -8.85 -18.50 -1.56
CA PHE B 24 -9.81 -18.92 -0.54
C PHE B 24 -10.59 -20.15 -1.02
N VAL B 25 -11.16 -19.99 -2.21
CA VAL B 25 -12.04 -20.99 -2.82
C VAL B 25 -11.30 -22.28 -3.06
N LEU B 26 -10.04 -22.15 -3.48
CA LEU B 26 -9.17 -23.31 -3.61
C LEU B 26 -9.01 -24.03 -2.27
N GLU B 27 -8.73 -23.28 -1.20
CA GLU B 27 -8.49 -23.86 0.11
C GLU B 27 -9.73 -24.53 0.66
N GLU B 28 -10.88 -23.91 0.42
CA GLU B 28 -12.13 -24.44 0.91
C GLU B 28 -12.41 -25.78 0.27
N LEU B 29 -11.92 -25.96 -0.95
CA LEU B 29 -12.20 -27.17 -1.72
C LEU B 29 -11.10 -28.21 -1.62
N SER B 30 -10.13 -27.98 -0.76
CA SER B 30 -9.03 -28.93 -0.60
C SER B 30 -8.30 -29.18 -1.90
N LEU B 31 -8.19 -28.15 -2.74
CA LEU B 31 -7.46 -28.28 -4.00
C LEU B 31 -6.02 -27.79 -3.86
N SER B 32 -5.09 -28.56 -4.38
CA SER B 32 -3.68 -28.23 -4.34
C SER B 32 -3.46 -27.05 -5.29
N TYR B 33 -2.60 -26.11 -4.92
CA TYR B 33 -2.33 -24.97 -5.81
C TYR B 33 -1.05 -24.25 -5.44
N GLU B 34 -0.42 -23.65 -6.44
CA GLU B 34 0.86 -22.99 -6.23
C GLU B 34 0.81 -21.55 -6.68
N ILE B 35 0.92 -20.63 -5.73
CA ILE B 35 0.89 -19.21 -6.08
C ILE B 35 2.18 -18.73 -6.74
N VAL B 36 2.02 -18.10 -7.90
CA VAL B 36 3.12 -17.54 -8.65
C VAL B 36 2.95 -16.03 -8.64
N LEU B 37 3.86 -15.33 -7.95
CA LEU B 37 3.71 -13.89 -7.82
C LEU B 37 3.98 -13.22 -9.15
N VAL B 38 3.14 -12.27 -9.52
CA VAL B 38 3.42 -11.47 -10.70
C VAL B 38 3.91 -10.12 -10.24
N ASP B 39 5.10 -9.73 -10.70
CA ASP B 39 5.71 -8.49 -10.24
C ASP B 39 5.20 -7.28 -11.04
N VAL B 40 4.06 -6.77 -10.60
CA VAL B 40 3.35 -5.69 -11.28
C VAL B 40 4.16 -4.38 -11.21
N ALA B 41 4.97 -4.25 -10.16
CA ALA B 41 5.89 -3.12 -10.02
C ALA B 41 6.87 -3.07 -11.21
N LYS B 42 7.22 -4.23 -11.74
CA LYS B 42 8.01 -4.29 -12.97
C LYS B 42 7.15 -4.40 -14.23
N ASN B 43 5.86 -4.22 -14.10
CA ASN B 43 4.90 -4.43 -15.19
C ASN B 43 4.94 -5.84 -15.81
N GLU B 44 5.24 -6.84 -14.99
CA GLU B 44 5.25 -8.23 -15.46
C GLU B 44 3.89 -8.68 -15.95
N GLN B 45 2.84 -8.00 -15.49
CA GLN B 45 1.49 -8.34 -15.89
C GLN B 45 1.24 -7.92 -17.34
N LYS B 46 1.99 -6.92 -17.80
CA LYS B 46 1.97 -6.53 -19.20
C LYS B 46 3.08 -7.25 -20.01
N SER B 47 3.72 -8.25 -19.43
CA SER B 47 4.75 -9.00 -20.15
C SER B 47 4.08 -9.90 -21.18
N PRO B 48 4.78 -10.17 -22.30
CA PRO B 48 4.19 -11.04 -23.33
C PRO B 48 3.97 -12.45 -22.81
N GLU B 49 4.85 -12.91 -21.93
CA GLU B 49 4.67 -14.21 -21.33
C GLU B 49 3.34 -14.25 -20.59
N PHE B 50 3.12 -13.27 -19.72
CA PHE B 50 1.88 -13.26 -18.99
C PHE B 50 0.66 -13.04 -19.91
N MET B 51 0.80 -12.18 -20.91
CA MET B 51 -0.33 -11.91 -21.77
C MET B 51 -0.73 -13.06 -22.69
N LYS B 52 0.09 -14.11 -22.77
CA LYS B 52 -0.36 -15.35 -23.40
C LYS B 52 -1.43 -16.03 -22.51
N LEU B 53 -1.36 -15.81 -21.20
CA LEU B 53 -2.42 -16.29 -20.28
C LEU B 53 -3.65 -15.40 -20.29
N ASN B 54 -3.44 -14.09 -20.20
CA ASN B 54 -4.56 -13.18 -20.16
C ASN B 54 -4.25 -11.95 -20.99
N PRO B 55 -4.93 -11.84 -22.12
CA PRO B 55 -4.76 -10.75 -23.09
C PRO B 55 -5.12 -9.41 -22.47
N ASN B 56 -5.91 -9.46 -21.39
CA ASN B 56 -6.21 -8.26 -20.61
C ASN B 56 -4.97 -7.73 -19.89
N GLY B 57 -4.04 -8.62 -19.57
CA GLY B 57 -2.80 -8.19 -18.96
C GLY B 57 -3.00 -7.65 -17.56
N ARG B 58 -3.95 -8.25 -16.84
CA ARG B 58 -4.15 -7.98 -15.43
C ARG B 58 -4.37 -9.30 -14.69
N THR B 59 -3.72 -9.44 -13.55
CA THR B 59 -3.88 -10.61 -12.70
C THR B 59 -5.32 -10.68 -12.19
N PRO B 60 -5.79 -11.86 -11.76
CA PRO B 60 -5.10 -13.15 -11.72
C PRO B 60 -5.32 -13.95 -13.00
N ALA B 61 -4.72 -15.13 -13.05
CA ALA B 61 -4.95 -16.10 -14.11
C ALA B 61 -4.71 -17.43 -13.44
N LEU B 62 -5.32 -18.47 -13.98
CA LEU B 62 -5.27 -19.77 -13.34
C LEU B 62 -4.96 -20.77 -14.43
N ILE B 63 -4.03 -21.67 -14.17
CA ILE B 63 -3.84 -22.79 -15.07
C ILE B 63 -4.17 -24.08 -14.33
N ASP B 64 -5.19 -24.78 -14.79
CA ASP B 64 -5.57 -26.05 -14.19
C ASP B 64 -4.76 -27.22 -14.81
N HIS B 65 -3.65 -27.57 -14.19
CA HIS B 65 -2.78 -28.61 -14.71
C HIS B 65 -3.46 -29.98 -14.65
N GLY B 66 -4.47 -30.09 -13.79
CA GLY B 66 -5.25 -31.30 -13.68
C GLY B 66 -6.33 -31.34 -14.74
N ASN B 67 -6.30 -30.35 -15.63
CA ASN B 67 -7.19 -30.31 -16.78
C ASN B 67 -6.51 -29.81 -18.06
N SER B 68 -5.53 -30.59 -18.54
CA SER B 68 -4.87 -30.33 -19.81
C SER B 68 -4.22 -28.94 -19.87
N ASP B 69 -3.76 -28.46 -18.71
CA ASP B 69 -3.17 -27.13 -18.56
C ASP B 69 -4.15 -26.00 -18.93
N PHE B 70 -5.44 -26.22 -18.69
CA PHE B 70 -6.48 -25.26 -19.08
C PHE B 70 -6.29 -23.90 -18.39
N VAL B 71 -6.11 -22.85 -19.22
CA VAL B 71 -5.93 -21.47 -18.75
C VAL B 71 -7.26 -20.74 -18.61
N ILE B 72 -7.40 -19.89 -17.60
CA ILE B 72 -8.60 -19.08 -17.44
C ILE B 72 -8.34 -17.86 -16.55
N TRP B 73 -8.89 -16.71 -16.93
CA TRP B 73 -8.79 -15.52 -16.08
C TRP B 73 -10.15 -14.92 -15.77
N GLU B 74 -10.14 -13.67 -15.31
CA GLU B 74 -11.28 -13.07 -14.62
C GLU B 74 -11.58 -13.85 -13.33
N SER B 75 -11.24 -13.25 -12.19
CA SER B 75 -11.21 -14.00 -10.93
C SER B 75 -12.54 -14.65 -10.57
N ASN B 76 -13.64 -13.96 -10.90
CA ASN B 76 -14.97 -14.52 -10.68
C ASN B 76 -15.20 -15.80 -11.42
N ALA B 77 -14.72 -15.85 -12.67
CA ALA B 77 -14.93 -17.01 -13.52
C ALA B 77 -14.04 -18.14 -13.07
N MET B 78 -12.87 -17.77 -12.58
CA MET B 78 -11.91 -18.72 -12.03
C MET B 78 -12.59 -19.45 -10.90
N VAL B 79 -13.32 -18.69 -10.09
CA VAL B 79 -14.02 -19.21 -8.94
C VAL B 79 -15.09 -20.16 -9.40
N GLN B 80 -15.87 -19.71 -10.38
CA GLN B 80 -16.99 -20.50 -10.84
C GLN B 80 -16.54 -21.84 -11.41
N TYR B 81 -15.52 -21.76 -12.27
CA TYR B 81 -14.91 -22.92 -12.88
C TYR B 81 -14.51 -23.93 -11.80
N VAL B 82 -13.71 -23.46 -10.84
CA VAL B 82 -13.23 -24.31 -9.76
C VAL B 82 -14.38 -24.92 -8.95
N ALA B 83 -15.46 -24.16 -8.79
CA ALA B 83 -16.59 -24.58 -7.96
C ALA B 83 -17.54 -25.54 -8.67
N ASP B 84 -17.91 -25.19 -9.90
CA ASP B 84 -18.82 -26.01 -10.69
C ASP B 84 -18.21 -27.39 -10.95
N LYS B 85 -16.89 -27.39 -11.14
CA LYS B 85 -16.18 -28.59 -11.50
C LYS B 85 -15.77 -29.44 -10.31
N TYR B 86 -15.20 -28.83 -9.28
CA TYR B 86 -14.56 -29.61 -8.23
C TYR B 86 -15.31 -29.74 -6.90
N ASP B 87 -16.39 -28.98 -6.76
CA ASP B 87 -17.19 -29.04 -5.53
C ASP B 87 -18.39 -29.97 -5.73
N THR B 88 -18.07 -31.24 -5.95
CA THR B 88 -19.05 -32.29 -6.19
C THR B 88 -20.15 -32.33 -5.14
N GLU B 89 -19.73 -32.25 -3.88
CA GLU B 89 -20.66 -32.40 -2.78
C GLU B 89 -21.31 -31.06 -2.43
N ARG B 90 -20.97 -30.05 -3.21
CA ARG B 90 -21.59 -28.74 -3.07
C ARG B 90 -21.54 -28.24 -1.62
N LYS B 91 -20.35 -28.20 -1.03
CA LYS B 91 -20.20 -27.74 0.34
C LYS B 91 -20.23 -26.23 0.45
N ILE B 92 -19.79 -25.56 -0.62
CA ILE B 92 -19.79 -24.10 -0.68
C ILE B 92 -20.24 -23.56 -2.06
N SER B 93 -21.05 -24.34 -2.78
CA SER B 93 -21.63 -23.84 -4.01
C SER B 93 -23.04 -24.37 -4.25
N MET B 94 -23.82 -23.60 -5.01
CA MET B 94 -25.16 -24.02 -5.43
C MET B 94 -25.04 -24.91 -6.66
N ALA B 95 -26.00 -25.83 -6.83
CA ALA B 95 -25.96 -26.78 -7.94
C ALA B 95 -26.22 -26.10 -9.28
N PRO B 96 -25.37 -26.37 -10.28
CA PRO B 96 -25.53 -25.89 -11.66
C PRO B 96 -26.86 -26.29 -12.27
N GLY B 97 -27.52 -25.38 -12.96
CA GLY B 97 -28.81 -25.66 -13.58
C GLY B 97 -29.99 -25.25 -12.73
N THR B 98 -29.80 -25.28 -11.41
CA THR B 98 -30.84 -24.85 -10.48
C THR B 98 -31.02 -23.33 -10.51
N ASP B 99 -32.16 -22.86 -10.00
CA ASP B 99 -32.44 -21.44 -9.97
C ASP B 99 -31.51 -20.72 -8.98
N ASP B 100 -31.17 -21.37 -7.88
CA ASP B 100 -30.26 -20.79 -6.92
C ASP B 100 -28.87 -20.51 -7.47
N PHE B 101 -28.43 -21.33 -8.42
CA PHE B 101 -27.14 -21.17 -9.07
C PHE B 101 -27.06 -19.81 -9.75
N TYR B 102 -28.15 -19.39 -10.37
CA TYR B 102 -28.13 -18.11 -11.09
C TYR B 102 -28.26 -16.89 -10.18
N ILE B 103 -28.80 -17.10 -8.99
CA ILE B 103 -28.81 -16.07 -7.96
C ILE B 103 -27.42 -15.91 -7.37
N GLN B 104 -26.82 -17.04 -7.04
CA GLN B 104 -25.41 -17.09 -6.65
C GLN B 104 -24.60 -16.30 -7.66
N LEU B 105 -24.88 -16.54 -8.93
CA LEU B 105 -24.16 -15.90 -10.03
C LEU B 105 -24.39 -14.39 -10.03
N GLN B 106 -25.62 -13.99 -9.77
CA GLN B 106 -25.96 -12.58 -9.64
C GLN B 106 -25.09 -11.91 -8.59
N TRP B 107 -24.97 -12.50 -7.41
CA TRP B 107 -24.20 -11.91 -6.33
C TRP B 107 -22.71 -11.83 -6.67
N GLN B 108 -22.23 -12.77 -7.49
CA GLN B 108 -20.84 -12.76 -7.91
C GLN B 108 -20.59 -11.65 -8.90
N TYR B 109 -21.64 -11.30 -9.63
CA TYR B 109 -21.52 -10.20 -10.55
C TYR B 109 -21.59 -8.92 -9.77
N PHE B 110 -22.41 -8.91 -8.74
CA PHE B 110 -22.50 -7.74 -7.91
C PHE B 110 -21.12 -7.45 -7.32
N GLN B 111 -20.40 -8.52 -7.00
CA GLN B 111 -19.07 -8.39 -6.42
C GLN B 111 -18.06 -7.86 -7.41
N GLY B 112 -18.01 -8.50 -8.57
CA GLY B 112 -17.01 -8.24 -9.58
C GLY B 112 -17.22 -6.97 -10.38
N THR B 113 -18.50 -6.61 -10.59
CA THR B 113 -18.85 -5.40 -11.33
C THR B 113 -19.18 -4.22 -10.40
N GLY B 114 -19.72 -4.53 -9.24
CA GLY B 114 -20.22 -3.48 -8.35
C GLY B 114 -19.28 -3.12 -7.22
N GLN B 115 -18.80 -4.11 -6.48
CA GLN B 115 -17.88 -3.87 -5.37
C GLN B 115 -16.46 -3.62 -5.89
N GLY B 116 -15.93 -4.57 -6.66
CA GLY B 116 -14.59 -4.44 -7.19
C GLY B 116 -14.23 -3.08 -7.79
N PRO B 117 -14.87 -2.75 -8.93
CA PRO B 117 -14.50 -1.52 -9.64
C PRO B 117 -14.63 -0.30 -8.77
N TYR B 118 -15.67 -0.21 -7.96
CA TYR B 118 -15.89 1.02 -7.20
C TYR B 118 -14.92 1.22 -6.01
N PHE B 119 -14.66 0.15 -5.27
CA PHE B 119 -13.66 0.18 -4.23
C PHE B 119 -12.37 0.64 -4.85
N GLY B 120 -12.09 0.11 -6.05
CA GLY B 120 -10.83 0.36 -6.72
C GLY B 120 -10.66 1.81 -7.12
N GLN B 121 -11.78 2.48 -7.40
CA GLN B 121 -11.69 3.88 -7.84
C GLN B 121 -11.44 4.74 -6.62
N LEU B 122 -12.09 4.38 -5.52
CA LEU B 122 -11.84 5.02 -4.23
C LEU B 122 -10.38 4.92 -3.85
N VAL B 123 -9.80 3.73 -4.00
CA VAL B 123 -8.37 3.56 -3.79
C VAL B 123 -7.58 4.42 -4.76
N TRP B 124 -8.00 4.41 -6.02
CA TRP B 124 -7.29 5.14 -7.03
C TRP B 124 -7.17 6.63 -6.71
N PHE B 125 -8.29 7.25 -6.32
CA PHE B 125 -8.32 8.69 -6.04
C PHE B 125 -7.78 9.07 -4.66
N THR B 126 -7.76 8.13 -3.73
CA THR B 126 -7.14 8.37 -2.43
C THR B 126 -5.63 8.48 -2.58
N LEU B 127 -5.05 7.47 -3.22
CA LEU B 127 -3.61 7.23 -3.19
C LEU B 127 -2.88 7.57 -4.47
N TYR B 128 -3.44 7.14 -5.60
CA TYR B 128 -2.66 7.05 -6.84
C TYR B 128 -2.96 8.11 -7.89
N HIS B 129 -4.12 8.76 -7.82
CA HIS B 129 -4.42 9.74 -8.86
C HIS B 129 -3.47 10.94 -8.78
N GLU B 130 -3.05 11.46 -9.92
CA GLU B 130 -1.99 12.48 -9.94
C GLU B 130 -2.43 13.86 -9.45
N GLU B 131 -3.74 14.06 -9.29
CA GLU B 131 -4.28 15.26 -8.67
C GLU B 131 -5.17 14.87 -7.50
N LYS B 132 -5.10 15.63 -6.41
CA LYS B 132 -5.94 15.33 -5.25
C LYS B 132 -7.31 15.93 -5.48
N ILE B 133 -8.31 15.08 -5.66
CA ILE B 133 -9.66 15.53 -5.93
C ILE B 133 -10.61 14.97 -4.90
N PRO B 134 -11.00 15.82 -3.95
CA PRO B 134 -11.96 15.49 -2.89
C PRO B 134 -13.34 15.06 -3.43
N SER B 135 -13.83 15.69 -4.49
CA SER B 135 -15.16 15.32 -4.98
C SER B 135 -15.17 13.90 -5.53
N ALA B 136 -14.06 13.49 -6.13
CA ALA B 136 -13.93 12.12 -6.60
C ALA B 136 -13.76 11.13 -5.45
N VAL B 137 -12.89 11.45 -4.48
CA VAL B 137 -12.69 10.58 -3.31
C VAL B 137 -14.02 10.39 -2.61
N THR B 138 -14.75 11.50 -2.45
CA THR B 138 -16.09 11.51 -1.84
C THR B 138 -17.08 10.64 -2.60
N ARG B 139 -17.03 10.71 -3.92
CA ARG B 139 -17.99 9.98 -4.75
C ARG B 139 -17.87 8.49 -4.51
N TYR B 140 -16.65 8.00 -4.45
CA TYR B 140 -16.44 6.59 -4.23
C TYR B 140 -16.45 6.15 -2.76
N LYS B 141 -16.11 7.04 -1.82
CA LYS B 141 -16.36 6.76 -0.41
C LYS B 141 -17.84 6.46 -0.22
N GLU B 142 -18.68 7.41 -0.64
CA GLU B 142 -20.14 7.25 -0.65
C GLU B 142 -20.57 5.92 -1.27
N GLU B 143 -20.13 5.67 -2.50
CA GLU B 143 -20.52 4.44 -3.19
C GLU B 143 -20.06 3.13 -2.50
N ALA B 144 -18.91 3.15 -1.84
CA ALA B 144 -18.47 1.97 -1.09
C ALA B 144 -19.41 1.75 0.11
N LEU B 145 -19.77 2.84 0.78
CA LEU B 145 -20.73 2.75 1.87
C LEU B 145 -22.04 2.17 1.33
N ARG B 146 -22.56 2.76 0.25
CA ARG B 146 -23.76 2.26 -0.43
C ARG B 146 -23.69 0.75 -0.73
N VAL B 147 -22.51 0.26 -1.09
CA VAL B 147 -22.34 -1.16 -1.31
C VAL B 147 -22.43 -1.98 0.00
N PHE B 148 -21.99 -1.43 1.13
CA PHE B 148 -22.26 -2.13 2.37
C PHE B 148 -23.75 -2.19 2.67
N SER B 149 -24.44 -1.07 2.48
CA SER B 149 -25.87 -0.97 2.75
C SER B 149 -26.65 -2.01 1.98
N VAL B 150 -26.25 -2.24 0.73
CA VAL B 150 -26.90 -3.25 -0.11
C VAL B 150 -26.70 -4.63 0.50
N LEU B 151 -25.51 -4.90 0.99
CA LEU B 151 -25.22 -6.20 1.57
C LEU B 151 -26.01 -6.33 2.87
N GLU B 152 -25.95 -5.29 3.69
CA GLU B 152 -26.67 -5.22 4.96
C GLU B 152 -28.17 -5.39 4.77
N ARG B 153 -28.66 -4.92 3.64
CA ARG B 153 -30.07 -4.96 3.33
C ARG B 153 -30.53 -6.41 3.29
N VAL B 154 -29.62 -7.28 2.93
CA VAL B 154 -30.01 -8.66 2.74
C VAL B 154 -29.54 -9.50 3.92
N LEU B 155 -28.29 -9.29 4.31
CA LEU B 155 -27.66 -10.14 5.32
C LEU B 155 -28.26 -10.00 6.70
N SER B 156 -29.05 -8.94 6.93
CA SER B 156 -29.76 -8.77 8.19
C SER B 156 -31.08 -9.53 8.16
N ASN B 157 -31.46 -10.01 6.98
CA ASN B 157 -32.71 -10.75 6.84
C ASN B 157 -32.50 -12.25 6.66
N GLN B 158 -31.33 -12.60 6.12
CA GLN B 158 -30.96 -14.01 5.90
C GLN B 158 -29.54 -14.30 6.39
N GLU B 159 -29.25 -15.57 6.60
CA GLU B 159 -27.92 -15.98 7.03
C GLU B 159 -26.88 -15.74 5.93
N TRP B 160 -27.14 -16.24 4.73
CA TRP B 160 -26.18 -16.04 3.66
C TRP B 160 -26.86 -15.51 2.41
N LEU B 161 -26.02 -15.06 1.49
CA LEU B 161 -26.47 -14.48 0.25
C LEU B 161 -27.45 -15.38 -0.50
N VAL B 162 -27.17 -16.68 -0.52
CA VAL B 162 -27.95 -17.62 -1.33
C VAL B 162 -27.91 -19.05 -0.80
N GLY B 163 -29.08 -19.67 -0.71
CA GLY B 163 -29.17 -21.11 -0.45
C GLY B 163 -29.02 -21.58 0.99
N GLY B 164 -29.14 -20.66 1.94
CA GLY B 164 -29.11 -21.02 3.34
C GLY B 164 -27.76 -21.45 3.83
N LYS B 165 -26.73 -21.33 2.99
CA LYS B 165 -25.35 -21.70 3.38
C LYS B 165 -24.34 -20.71 2.80
N MET B 166 -23.13 -20.69 3.39
CA MET B 166 -22.02 -19.95 2.83
C MET B 166 -21.64 -20.50 1.46
N THR B 167 -21.65 -19.66 0.44
CA THR B 167 -21.18 -20.06 -0.87
C THR B 167 -20.05 -19.17 -1.39
N ILE B 168 -19.45 -19.59 -2.49
CA ILE B 168 -18.52 -18.75 -3.22
C ILE B 168 -19.00 -17.32 -3.47
N ALA B 169 -20.31 -17.09 -3.37
CA ALA B 169 -20.88 -15.75 -3.55
C ALA B 169 -20.58 -14.84 -2.35
N ASP B 170 -20.87 -15.35 -1.16
CA ASP B 170 -20.47 -14.70 0.07
C ASP B 170 -18.97 -14.46 0.05
N ILE B 171 -18.21 -15.52 -0.23
CA ILE B 171 -16.76 -15.50 -0.10
C ILE B 171 -16.10 -14.44 -0.98
N SER B 172 -16.69 -14.19 -2.16
CA SER B 172 -16.10 -13.29 -3.15
C SER B 172 -15.77 -11.91 -2.56
N PHE B 173 -16.55 -11.54 -1.55
CA PHE B 173 -16.56 -10.17 -1.02
C PHE B 173 -15.53 -9.93 0.06
N VAL B 174 -14.97 -11.01 0.57
CA VAL B 174 -14.18 -10.95 1.79
C VAL B 174 -12.91 -10.13 1.60
N SER B 175 -12.16 -10.40 0.54
CA SER B 175 -10.86 -9.77 0.32
C SER B 175 -10.95 -8.25 0.17
N TRP B 176 -11.87 -7.77 -0.67
CA TRP B 176 -12.04 -6.32 -0.84
C TRP B 176 -12.59 -5.69 0.41
N ASN B 177 -13.54 -6.34 1.06
CA ASN B 177 -14.18 -5.78 2.26
C ASN B 177 -13.16 -5.50 3.34
N ASP B 178 -12.13 -6.34 3.38
CA ASP B 178 -11.09 -6.19 4.37
C ASP B 178 -10.05 -5.14 3.97
N MET B 179 -9.86 -4.95 2.66
CA MET B 179 -8.88 -3.99 2.18
C MET B 179 -9.44 -2.58 2.23
N ILE B 180 -10.75 -2.46 2.11
CA ILE B 180 -11.38 -1.16 1.87
C ILE B 180 -11.47 -0.33 3.12
N VAL B 181 -11.44 -0.96 4.29
CA VAL B 181 -11.66 -0.22 5.53
C VAL B 181 -10.67 0.93 5.76
N HIS B 182 -9.40 0.76 5.39
CA HIS B 182 -8.42 1.82 5.57
C HIS B 182 -8.76 3.07 4.78
N PHE B 183 -9.63 2.92 3.79
CA PHE B 183 -9.95 4.01 2.86
C PHE B 183 -11.21 4.76 3.28
N LEU B 184 -11.83 4.31 4.36
CA LEU B 184 -13.09 4.90 4.86
C LEU B 184 -12.88 5.69 6.15
N ASP B 185 -13.47 6.87 6.25
CA ASP B 185 -13.33 7.74 7.43
C ASP B 185 -13.91 7.12 8.70
N ASN B 186 -13.11 7.09 9.77
CA ASN B 186 -13.50 6.48 11.02
C ASN B 186 -14.52 5.36 10.86
N PHE B 187 -14.08 4.28 10.25
CA PHE B 187 -14.99 3.21 9.93
C PHE B 187 -15.12 2.27 11.09
N ASP B 188 -16.33 2.12 11.60
CA ASP B 188 -16.56 1.10 12.61
C ASP B 188 -17.56 0.14 12.04
N PHE B 189 -17.05 -1.02 11.63
CA PHE B 189 -17.78 -1.98 10.80
C PHE B 189 -19.03 -2.54 11.49
N GLU B 190 -18.90 -2.99 12.74
CA GLU B 190 -20.07 -3.56 13.43
C GLU B 190 -21.02 -2.48 13.93
N LYS B 191 -20.52 -1.27 14.09
CA LYS B 191 -21.35 -0.16 14.50
C LYS B 191 -22.23 0.27 13.33
N GLU B 192 -21.61 0.37 12.15
CA GLU B 192 -22.24 0.94 10.97
C GLU B 192 -23.06 -0.04 10.15
N PHE B 193 -22.53 -1.24 9.97
CA PHE B 193 -23.24 -2.31 9.25
C PHE B 193 -23.11 -3.62 10.00
N PRO B 194 -23.90 -3.77 11.06
CA PRO B 194 -23.79 -4.92 11.99
C PRO B 194 -23.80 -6.31 11.33
N ALA B 195 -24.81 -6.58 10.51
CA ALA B 195 -25.00 -7.92 9.97
C ALA B 195 -23.91 -8.32 8.96
N THR B 196 -23.52 -7.37 8.11
CA THR B 196 -22.45 -7.54 7.14
C THR B 196 -21.09 -7.73 7.83
N ALA B 197 -20.91 -7.09 8.99
CA ALA B 197 -19.68 -7.27 9.75
C ALA B 197 -19.54 -8.72 10.23
N ALA B 198 -20.60 -9.25 10.84
CA ALA B 198 -20.62 -10.61 11.38
C ALA B 198 -20.40 -11.62 10.28
N TRP B 199 -20.99 -11.35 9.13
CA TRP B 199 -20.88 -12.20 7.97
C TRP B 199 -19.43 -12.23 7.49
N HIS B 200 -18.78 -11.07 7.50
CA HIS B 200 -17.39 -10.94 7.05
C HIS B 200 -16.44 -11.66 8.01
N TYR B 201 -16.60 -11.38 9.30
CA TYR B 201 -15.72 -11.99 10.30
C TYR B 201 -15.93 -13.49 10.43
N LYS B 202 -17.17 -13.96 10.29
CA LYS B 202 -17.43 -15.40 10.39
C LYS B 202 -16.53 -16.13 9.37
N MET B 203 -16.47 -15.58 8.17
CA MET B 203 -15.74 -16.16 7.06
C MET B 203 -14.24 -16.04 7.24
N LEU B 204 -13.81 -14.84 7.55
CA LEU B 204 -12.38 -14.55 7.69
C LEU B 204 -11.79 -15.36 8.85
N LYS B 205 -12.64 -15.82 9.76
CA LYS B 205 -12.24 -16.64 10.89
C LYS B 205 -11.80 -18.03 10.46
N ARG B 206 -12.41 -18.53 9.39
CA ARG B 206 -12.15 -19.88 8.86
C ARG B 206 -10.70 -20.03 8.46
N PRO B 207 -10.04 -21.10 8.92
CA PRO B 207 -8.60 -21.27 8.69
C PRO B 207 -8.32 -21.42 7.21
N THR B 208 -9.27 -21.96 6.45
CA THR B 208 -9.16 -22.05 5.00
C THR B 208 -9.09 -20.67 4.34
N ILE B 209 -9.60 -19.66 5.03
CA ILE B 209 -9.51 -18.30 4.54
C ILE B 209 -8.47 -17.51 5.35
N LYS B 210 -8.24 -17.96 6.58
CA LYS B 210 -7.32 -17.28 7.48
C LYS B 210 -5.86 -17.38 7.01
N ARG B 211 -5.40 -18.58 6.72
CA ARG B 211 -3.99 -18.73 6.32
C ARG B 211 -3.59 -18.07 4.99
N PRO B 212 -4.43 -18.20 3.93
CA PRO B 212 -4.07 -17.47 2.72
C PRO B 212 -3.93 -15.97 2.95
N TRP B 213 -4.93 -15.37 3.58
CA TRP B 213 -4.88 -13.98 3.95
C TRP B 213 -3.71 -13.69 4.92
N ASP B 214 -3.39 -14.63 5.80
CA ASP B 214 -2.18 -14.45 6.61
C ASP B 214 -0.92 -14.45 5.74
N GLU B 215 -0.90 -15.26 4.69
CA GLU B 215 0.24 -15.27 3.80
C GLU B 215 0.32 -13.95 3.02
N ARG B 216 -0.83 -13.46 2.60
CA ARG B 216 -0.90 -12.16 1.98
C ARG B 216 -0.28 -11.08 2.89
N ARG B 217 -0.63 -11.13 4.17
CA ARG B 217 -0.21 -10.08 5.10
C ARG B 217 1.31 -10.08 5.30
N LYS B 218 1.90 -11.26 5.35
CA LYS B 218 3.35 -11.35 5.52
C LYS B 218 4.09 -10.80 4.29
N LEU B 219 3.56 -11.09 3.11
CA LEU B 219 4.15 -10.61 1.86
C LEU B 219 4.08 -9.08 1.72
N MET B 220 2.93 -8.51 2.10
CA MET B 220 2.72 -7.08 1.99
C MET B 220 3.60 -6.28 2.97
N SER B 221 4.22 -6.99 3.89
CA SER B 221 5.18 -6.39 4.79
C SER B 221 6.57 -6.95 4.51
N SER C 3 26.29 -1.36 -15.24
CA SER C 3 25.89 -1.33 -16.65
C SER C 3 24.85 -0.24 -16.92
N HIS C 4 25.20 1.00 -16.61
CA HIS C 4 24.38 2.16 -16.96
C HIS C 4 25.19 3.41 -16.71
N ASP C 5 24.90 4.50 -17.43
CA ASP C 5 25.77 5.66 -17.41
C ASP C 5 25.54 6.67 -16.26
N LYS C 6 24.68 6.32 -15.29
CA LYS C 6 24.37 7.25 -14.20
C LYS C 6 25.45 7.27 -13.15
N GLN C 7 25.71 8.44 -12.57
CA GLN C 7 26.72 8.53 -11.51
C GLN C 7 26.32 7.71 -10.28
N PHE C 8 25.06 7.74 -9.90
CA PHE C 8 24.65 7.03 -8.70
C PHE C 8 23.74 5.87 -8.97
N SER C 9 23.97 4.79 -8.22
CA SER C 9 22.96 3.75 -8.12
C SER C 9 22.27 3.82 -6.76
N LEU C 10 20.96 3.99 -6.82
CA LEU C 10 20.15 4.13 -5.64
C LEU C 10 19.23 2.94 -5.57
N PHE C 11 19.57 2.00 -4.70
CA PHE C 11 18.80 0.77 -4.58
C PHE C 11 17.70 1.03 -3.58
N LEU C 12 16.45 0.84 -3.98
CA LEU C 12 15.35 1.10 -3.06
C LEU C 12 14.15 0.20 -3.29
N HIS C 13 13.32 0.12 -2.27
CA HIS C 13 12.06 -0.58 -2.32
C HIS C 13 11.00 0.48 -2.58
N LYS C 14 10.15 0.24 -3.58
CA LYS C 14 9.17 1.24 -4.03
C LYS C 14 8.35 1.86 -2.89
N ALA C 15 7.74 1.01 -2.08
CA ALA C 15 6.79 1.43 -1.06
C ALA C 15 7.43 2.10 0.15
N SER C 16 8.75 2.14 0.22
CA SER C 16 9.40 2.81 1.33
C SER C 16 9.56 4.30 1.05
N ALA C 17 9.68 5.09 2.10
CA ALA C 17 9.82 6.55 1.97
C ALA C 17 11.28 7.00 2.01
N HIS C 18 12.20 6.06 2.26
CA HIS C 18 13.58 6.43 2.58
C HIS C 18 14.46 6.67 1.37
N GLY C 19 14.28 5.86 0.34
CA GLY C 19 15.04 6.06 -0.88
C GLY C 19 14.72 7.43 -1.44
N TRP C 20 13.42 7.71 -1.58
CA TRP C 20 12.93 8.87 -2.35
C TRP C 20 13.43 10.17 -1.77
N LYS C 21 13.81 10.12 -0.49
CA LYS C 21 14.42 11.25 0.19
C LYS C 21 15.79 11.51 -0.45
N VAL C 22 16.52 10.44 -0.70
CA VAL C 22 17.78 10.55 -1.43
C VAL C 22 17.52 11.04 -2.86
N ALA C 23 16.48 10.51 -3.48
CA ALA C 23 16.16 10.90 -4.83
C ALA C 23 15.91 12.42 -4.91
N PHE C 24 15.13 12.95 -3.97
CA PHE C 24 14.84 14.39 -3.91
C PHE C 24 16.10 15.23 -3.85
N VAL C 25 17.11 14.73 -3.14
CA VAL C 25 18.35 15.48 -3.01
C VAL C 25 19.17 15.40 -4.28
N LEU C 26 19.31 14.18 -4.79
CA LEU C 26 20.03 13.94 -6.04
C LEU C 26 19.48 14.83 -7.14
N GLU C 27 18.16 14.97 -7.16
CA GLU C 27 17.49 15.85 -8.10
C GLU C 27 17.83 17.30 -7.79
N GLU C 28 17.89 17.65 -6.50
CA GLU C 28 18.08 19.05 -6.17
C GLU C 28 19.49 19.46 -6.55
N LEU C 29 20.38 18.48 -6.56
CA LEU C 29 21.80 18.76 -6.76
C LEU C 29 22.27 18.53 -8.19
N SER C 30 21.33 18.13 -9.04
CA SER C 30 21.56 17.98 -10.48
C SER C 30 22.54 16.86 -10.83
N LEU C 31 22.36 15.72 -10.18
CA LEU C 31 23.20 14.54 -10.38
C LEU C 31 22.40 13.39 -10.98
N SER C 32 23.05 12.62 -11.84
CA SER C 32 22.40 11.52 -12.54
C SER C 32 22.24 10.34 -11.59
N TYR C 33 21.15 9.60 -11.68
CA TYR C 33 20.96 8.45 -10.79
C TYR C 33 20.01 7.41 -11.34
N GLU C 34 20.28 6.15 -11.02
CA GLU C 34 19.44 5.04 -11.50
C GLU C 34 18.76 4.34 -10.35
N ILE C 35 17.43 4.41 -10.28
CA ILE C 35 16.72 3.67 -9.24
C ILE C 35 16.66 2.20 -9.55
N VAL C 36 17.28 1.40 -8.69
CA VAL C 36 17.30 -0.03 -8.88
C VAL C 36 16.34 -0.62 -7.89
N LEU C 37 15.22 -1.12 -8.37
CA LEU C 37 14.22 -1.70 -7.50
C LEU C 37 14.69 -3.00 -6.84
N VAL C 38 14.55 -3.05 -5.52
CA VAL C 38 14.86 -4.22 -4.72
C VAL C 38 13.55 -4.93 -4.37
N ASP C 39 13.28 -6.03 -5.04
CA ASP C 39 12.04 -6.78 -4.88
C ASP C 39 11.90 -7.40 -3.46
N VAL C 40 11.51 -6.57 -2.50
CA VAL C 40 11.34 -6.99 -1.10
C VAL C 40 10.41 -8.21 -0.96
N ALA C 41 9.52 -8.39 -1.94
CA ALA C 41 8.56 -9.49 -1.94
C ALA C 41 9.24 -10.85 -2.15
N LYS C 42 10.49 -10.82 -2.61
CA LYS C 42 11.31 -12.03 -2.66
C LYS C 42 12.63 -11.86 -1.91
N ASN C 43 12.54 -11.45 -0.65
CA ASN C 43 13.69 -11.37 0.25
C ASN C 43 14.99 -10.93 -0.40
N GLU C 44 14.90 -9.87 -1.20
CA GLU C 44 16.06 -9.33 -1.86
C GLU C 44 16.83 -8.48 -0.89
N GLN C 45 16.13 -7.95 0.10
CA GLN C 45 16.78 -7.28 1.22
C GLN C 45 17.76 -8.26 1.90
N LYS C 46 17.46 -9.56 1.83
CA LYS C 46 18.27 -10.59 2.46
C LYS C 46 19.19 -11.31 1.46
N SER C 47 19.04 -10.98 0.18
CA SER C 47 19.86 -11.59 -0.87
C SER C 47 21.34 -11.32 -0.61
N PRO C 48 22.19 -12.31 -0.88
CA PRO C 48 23.63 -12.19 -0.67
C PRO C 48 24.27 -10.97 -1.35
N GLU C 49 23.97 -10.73 -2.62
CA GLU C 49 24.57 -9.62 -3.37
C GLU C 49 24.28 -8.28 -2.68
N PHE C 50 23.01 -8.03 -2.39
CA PHE C 50 22.59 -6.81 -1.69
C PHE C 50 23.09 -6.80 -0.26
N MET C 51 23.22 -7.99 0.32
CA MET C 51 23.72 -8.12 1.69
C MET C 51 25.12 -7.53 1.71
N LYS C 52 25.95 -7.99 0.78
CA LYS C 52 27.29 -7.43 0.54
C LYS C 52 27.33 -5.89 0.53
N LEU C 53 26.23 -5.25 0.13
CA LEU C 53 26.15 -3.80 0.12
C LEU C 53 25.72 -3.25 1.48
N ASN C 54 24.92 -4.03 2.19
CA ASN C 54 24.29 -3.54 3.42
C ASN C 54 24.00 -4.67 4.39
N PRO C 55 24.89 -4.86 5.39
CA PRO C 55 24.72 -5.94 6.37
C PRO C 55 23.41 -5.84 7.13
N ASN C 56 22.79 -4.67 7.09
CA ASN C 56 21.47 -4.42 7.68
C ASN C 56 20.49 -5.28 6.91
N GLY C 57 20.72 -5.36 5.62
CA GLY C 57 19.83 -6.09 4.74
C GLY C 57 18.51 -5.35 4.70
N ARG C 58 18.61 -4.04 4.63
CA ARG C 58 17.45 -3.16 4.51
C ARG C 58 17.76 -1.98 3.60
N THR C 59 16.84 -1.71 2.69
CA THR C 59 17.00 -0.65 1.72
C THR C 59 16.72 0.67 2.45
N PRO C 60 17.31 1.78 2.01
CA PRO C 60 18.11 1.86 0.78
C PRO C 60 19.62 1.78 0.96
N ALA C 61 20.29 1.89 -0.17
CA ALA C 61 21.73 2.00 -0.19
C ALA C 61 22.09 2.77 -1.45
N LEU C 62 23.29 3.33 -1.46
CA LEU C 62 23.75 4.20 -2.51
C LEU C 62 25.13 3.80 -2.96
N ILE C 63 25.38 3.86 -4.26
CA ILE C 63 26.74 3.73 -4.75
C ILE C 63 27.10 4.96 -5.55
N ASP C 64 28.24 5.56 -5.20
CA ASP C 64 28.74 6.67 -5.98
C ASP C 64 29.72 6.22 -7.06
N HIS C 65 29.23 5.97 -8.27
CA HIS C 65 30.14 5.63 -9.36
C HIS C 65 31.14 6.76 -9.67
N GLY C 66 30.81 7.98 -9.21
CA GLY C 66 31.74 9.10 -9.27
C GLY C 66 32.69 9.20 -8.07
N ASN C 67 32.68 8.18 -7.23
CA ASN C 67 33.67 8.05 -6.15
C ASN C 67 34.12 6.59 -6.01
N SER C 68 34.63 6.03 -7.11
CA SER C 68 35.15 4.67 -7.08
C SER C 68 34.18 3.67 -6.45
N ASP C 69 32.90 3.80 -6.81
CA ASP C 69 31.82 2.97 -6.26
C ASP C 69 31.84 2.86 -4.75
N PHE C 70 32.13 3.97 -4.11
CA PHE C 70 31.96 4.11 -2.68
C PHE C 70 30.51 3.78 -2.32
N VAL C 71 30.31 2.80 -1.43
CA VAL C 71 28.98 2.36 -1.03
C VAL C 71 28.58 2.97 0.30
N ILE C 72 27.32 3.38 0.42
CA ILE C 72 26.82 3.94 1.68
C ILE C 72 25.32 3.72 1.84
N TRP C 73 24.92 3.20 3.00
CA TRP C 73 23.52 3.04 3.34
C TRP C 73 23.02 3.93 4.51
N GLU C 74 21.78 3.70 4.95
CA GLU C 74 21.06 4.63 5.83
C GLU C 74 20.82 5.93 5.10
N SER C 75 19.56 6.18 4.76
CA SER C 75 19.18 7.25 3.84
C SER C 75 19.55 8.65 4.32
N ASN C 76 19.52 8.87 5.62
CA ASN C 76 20.02 10.12 6.18
C ASN C 76 21.53 10.35 5.96
N ALA C 77 22.33 9.28 6.12
CA ALA C 77 23.76 9.29 5.79
C ALA C 77 24.03 9.48 4.30
N MET C 78 23.27 8.79 3.49
CA MET C 78 23.38 8.92 2.05
C MET C 78 23.15 10.37 1.66
N VAL C 79 22.08 10.96 2.18
CA VAL C 79 21.81 12.37 1.94
C VAL C 79 22.97 13.24 2.40
N GLN C 80 23.50 12.95 3.58
CA GLN C 80 24.51 13.82 4.14
C GLN C 80 25.77 13.81 3.28
N TYR C 81 26.20 12.61 2.88
CA TYR C 81 27.34 12.46 2.01
C TYR C 81 27.11 13.17 0.67
N VAL C 82 25.94 12.97 0.08
CA VAL C 82 25.60 13.60 -1.20
C VAL C 82 25.72 15.11 -1.07
N ALA C 83 25.06 15.64 -0.04
CA ALA C 83 25.01 17.07 0.18
C ALA C 83 26.37 17.63 0.52
N ASP C 84 27.16 16.88 1.26
CA ASP C 84 28.46 17.39 1.65
C ASP C 84 29.42 17.42 0.48
N LYS C 85 29.42 16.38 -0.32
CA LYS C 85 30.41 16.29 -1.37
C LYS C 85 30.01 17.06 -2.63
N TYR C 86 28.72 17.08 -2.95
CA TYR C 86 28.30 17.60 -4.25
C TYR C 86 27.51 18.92 -4.26
N ASP C 87 27.27 19.53 -3.11
CA ASP C 87 26.53 20.79 -3.05
C ASP C 87 27.45 21.98 -2.73
N THR C 88 28.55 22.08 -3.45
CA THR C 88 29.55 23.12 -3.26
C THR C 88 29.04 24.57 -3.16
N GLU C 89 27.92 24.89 -3.81
CA GLU C 89 27.38 26.26 -3.72
C GLU C 89 26.42 26.41 -2.56
N ARG C 90 26.18 25.31 -1.86
CA ARG C 90 25.31 25.25 -0.70
C ARG C 90 23.92 25.79 -1.04
N LYS C 91 23.35 25.23 -2.11
CA LYS C 91 22.02 25.61 -2.54
C LYS C 91 20.95 25.01 -1.63
N ILE C 92 21.22 23.82 -1.06
CA ILE C 92 20.27 23.19 -0.13
C ILE C 92 20.92 22.50 1.09
N SER C 93 22.07 23.01 1.52
CA SER C 93 22.72 22.49 2.71
C SER C 93 23.62 23.54 3.37
N MET C 94 23.85 23.36 4.68
CA MET C 94 24.84 24.15 5.45
C MET C 94 26.26 23.62 5.21
N ALA C 95 27.22 24.54 5.09
CA ALA C 95 28.61 24.14 4.90
C ALA C 95 29.15 23.43 6.14
N PRO C 96 29.86 22.33 5.91
CA PRO C 96 30.60 21.59 6.95
C PRO C 96 31.40 22.52 7.85
N GLY C 97 31.48 22.17 9.13
CA GLY C 97 32.25 22.95 10.08
C GLY C 97 31.42 23.90 10.91
N THR C 98 30.57 24.67 10.25
CA THR C 98 29.74 25.64 10.94
C THR C 98 28.79 24.94 11.90
N ASP C 99 28.36 25.69 12.90
CA ASP C 99 27.44 25.17 13.90
C ASP C 99 26.08 24.91 13.25
N ASP C 100 25.81 25.64 12.17
CA ASP C 100 24.57 25.46 11.42
C ASP C 100 24.45 24.02 10.95
N PHE C 101 25.55 23.49 10.42
CA PHE C 101 25.62 22.12 9.96
C PHE C 101 25.10 21.12 10.99
N TYR C 102 25.38 21.38 12.27
CA TYR C 102 25.04 20.43 13.30
C TYR C 102 23.60 20.58 13.72
N ILE C 103 23.07 21.79 13.61
CA ILE C 103 21.66 22.01 13.81
C ILE C 103 20.93 21.30 12.65
N GLN C 104 21.51 21.40 11.46
CA GLN C 104 20.98 20.72 10.29
C GLN C 104 20.97 19.22 10.52
N LEU C 105 22.01 18.74 11.20
CA LEU C 105 22.12 17.31 11.46
C LEU C 105 21.11 16.91 12.50
N GLN C 106 21.01 17.74 13.55
CA GLN C 106 20.03 17.55 14.63
C GLN C 106 18.64 17.25 14.07
N TRP C 107 18.21 18.07 13.12
CA TRP C 107 16.92 17.86 12.46
C TRP C 107 16.84 16.60 11.57
N GLN C 108 17.95 16.21 10.95
CA GLN C 108 17.97 14.96 10.18
C GLN C 108 17.85 13.78 11.14
N TYR C 109 18.36 13.95 12.35
CA TYR C 109 18.25 12.91 13.34
C TYR C 109 16.83 12.81 13.84
N PHE C 110 16.20 13.95 14.06
CA PHE C 110 14.81 13.97 14.47
C PHE C 110 13.92 13.32 13.39
N GLN C 111 14.24 13.56 12.11
CA GLN C 111 13.52 12.90 11.02
C GLN C 111 13.74 11.40 11.05
N GLY C 112 15.01 11.01 11.01
CA GLY C 112 15.37 9.61 11.08
C GLY C 112 14.92 8.88 12.35
N THR C 113 15.14 9.48 13.51
CA THR C 113 14.86 8.74 14.74
C THR C 113 13.48 9.03 15.33
N GLY C 114 12.93 10.20 15.03
CA GLY C 114 11.64 10.60 15.59
C GLY C 114 10.49 10.39 14.62
N GLN C 115 10.67 10.82 13.37
CA GLN C 115 9.57 10.75 12.43
C GLN C 115 9.36 9.35 11.90
N GLY C 116 10.34 8.88 11.12
CA GLY C 116 10.30 7.60 10.43
C GLY C 116 9.87 6.38 11.24
N PRO C 117 10.60 6.08 12.34
CA PRO C 117 10.36 4.84 13.07
C PRO C 117 8.98 4.82 13.69
N TYR C 118 8.52 5.95 14.24
CA TYR C 118 7.18 6.05 14.84
C TYR C 118 6.03 6.11 13.81
N PHE C 119 6.28 6.76 12.66
CA PHE C 119 5.34 6.69 11.54
C PHE C 119 5.23 5.25 11.12
N GLY C 120 6.41 4.61 11.06
CA GLY C 120 6.57 3.24 10.60
C GLY C 120 5.76 2.26 11.41
N GLN C 121 5.80 2.44 12.73
CA GLN C 121 5.08 1.57 13.65
C GLN C 121 3.58 1.79 13.50
N LEU C 122 3.17 3.02 13.21
CA LEU C 122 1.76 3.28 12.95
C LEU C 122 1.26 2.45 11.79
N VAL C 123 1.94 2.59 10.65
CA VAL C 123 1.68 1.78 9.48
C VAL C 123 1.63 0.31 9.88
N TRP C 124 2.67 -0.13 10.58
CA TRP C 124 2.77 -1.53 10.96
C TRP C 124 1.49 -2.01 11.63
N PHE C 125 1.09 -1.37 12.73
CA PHE C 125 -0.10 -1.86 13.43
C PHE C 125 -1.43 -1.60 12.72
N THR C 126 -1.46 -0.66 11.78
CA THR C 126 -2.69 -0.48 11.01
C THR C 126 -2.90 -1.63 10.03
N LEU C 127 -1.82 -2.05 9.37
CA LEU C 127 -1.93 -2.92 8.20
C LEU C 127 -1.31 -4.32 8.29
N TYR C 128 -0.20 -4.44 8.99
CA TYR C 128 0.63 -5.63 8.82
C TYR C 128 0.75 -6.53 10.06
N HIS C 129 0.54 -5.96 11.25
CA HIS C 129 0.66 -6.73 12.49
C HIS C 129 -0.33 -7.90 12.48
N GLU C 130 0.15 -9.06 12.93
CA GLU C 130 -0.58 -10.32 12.86
C GLU C 130 -1.97 -10.27 13.49
N GLU C 131 -2.09 -9.55 14.60
CA GLU C 131 -3.40 -9.34 15.22
C GLU C 131 -3.72 -7.85 15.35
N LYS C 132 -5.00 -7.50 15.42
CA LYS C 132 -5.39 -6.10 15.39
C LYS C 132 -5.53 -5.50 16.79
N ILE C 133 -4.77 -4.45 17.05
CA ILE C 133 -4.65 -3.92 18.40
C ILE C 133 -4.89 -2.42 18.47
N PRO C 134 -6.05 -2.03 19.00
CA PRO C 134 -6.47 -0.63 19.12
C PRO C 134 -5.49 0.22 19.92
N SER C 135 -4.92 -0.33 21.00
CA SER C 135 -3.99 0.44 21.84
C SER C 135 -2.70 0.79 21.11
N ALA C 136 -2.19 -0.14 20.33
CA ALA C 136 -0.96 0.09 19.57
C ALA C 136 -1.19 1.18 18.53
N VAL C 137 -2.35 1.12 17.87
CA VAL C 137 -2.64 1.99 16.73
C VAL C 137 -2.78 3.42 17.24
N THR C 138 -3.59 3.55 18.29
CA THR C 138 -3.77 4.79 18.99
C THR C 138 -2.44 5.35 19.49
N ARG C 139 -1.59 4.49 20.05
CA ARG C 139 -0.28 4.95 20.48
C ARG C 139 0.51 5.72 19.40
N TYR C 140 0.74 5.05 18.27
CA TYR C 140 1.51 5.65 17.18
C TYR C 140 0.77 6.72 16.35
N LYS C 141 -0.54 6.59 16.24
CA LYS C 141 -1.35 7.66 15.68
C LYS C 141 -1.07 8.94 16.49
N GLU C 142 -1.00 8.77 17.82
CA GLU C 142 -0.80 9.90 18.76
C GLU C 142 0.61 10.46 18.67
N GLU C 143 1.59 9.57 18.56
CA GLU C 143 2.97 9.99 18.38
C GLU C 143 3.16 10.74 17.05
N ALA C 144 2.46 10.30 16.02
CA ALA C 144 2.55 10.98 14.72
C ALA C 144 2.08 12.44 14.86
N LEU C 145 0.95 12.62 15.54
CA LEU C 145 0.39 13.95 15.80
C LEU C 145 1.30 14.81 16.67
N ARG C 146 1.96 14.19 17.65
CA ARG C 146 2.93 14.89 18.48
C ARG C 146 4.14 15.36 17.62
N VAL C 147 4.57 14.52 16.67
CA VAL C 147 5.69 14.89 15.80
C VAL C 147 5.39 16.13 14.97
N PHE C 148 4.16 16.19 14.46
CA PHE C 148 3.66 17.35 13.74
C PHE C 148 3.58 18.59 14.65
N SER C 149 3.24 18.39 15.92
CA SER C 149 3.18 19.49 16.88
C SER C 149 4.54 20.11 17.12
N VAL C 150 5.58 19.27 17.15
CA VAL C 150 6.93 19.75 17.33
C VAL C 150 7.40 20.62 16.16
N LEU C 151 7.19 20.10 14.95
CA LEU C 151 7.48 20.87 13.74
C LEU C 151 6.64 22.16 13.69
N GLU C 152 5.40 22.08 14.13
CA GLU C 152 4.54 23.25 14.10
C GLU C 152 5.13 24.33 15.00
N ARG C 153 5.57 23.93 16.18
CA ARG C 153 6.23 24.83 17.12
C ARG C 153 7.39 25.59 16.47
N VAL C 154 8.14 24.88 15.65
CA VAL C 154 9.32 25.46 15.05
C VAL C 154 8.98 26.25 13.80
N LEU C 155 8.09 25.72 12.99
CA LEU C 155 7.86 26.32 11.68
C LEU C 155 6.86 27.47 11.72
N SER C 156 6.12 27.59 12.83
CA SER C 156 5.18 28.70 13.01
C SER C 156 5.91 29.90 13.57
N ASN C 157 7.19 29.74 13.87
CA ASN C 157 7.95 30.85 14.38
C ASN C 157 9.14 31.16 13.49
N GLN C 158 9.33 30.33 12.47
CA GLN C 158 10.42 30.53 11.53
C GLN C 158 10.19 29.76 10.24
N GLU C 159 10.86 30.20 9.18
CA GLU C 159 10.55 29.78 7.81
C GLU C 159 11.05 28.38 7.41
N TRP C 160 12.27 28.03 7.83
CA TRP C 160 12.87 26.73 7.55
C TRP C 160 13.64 26.27 8.78
N LEU C 161 13.71 24.94 8.95
CA LEU C 161 14.45 24.31 10.04
C LEU C 161 15.79 24.99 10.37
N VAL C 162 16.61 25.27 9.36
CA VAL C 162 17.92 25.86 9.61
C VAL C 162 18.44 26.71 8.45
N GLY C 163 19.22 27.75 8.76
CA GLY C 163 19.91 28.55 7.77
C GLY C 163 19.10 29.61 7.03
N GLY C 164 17.79 29.63 7.25
CA GLY C 164 16.91 30.61 6.60
C GLY C 164 16.49 30.16 5.20
N LYS C 165 17.09 29.07 4.74
CA LYS C 165 16.73 28.48 3.46
C LYS C 165 16.28 27.03 3.65
N MET C 166 15.62 26.47 2.64
CA MET C 166 15.24 25.07 2.68
C MET C 166 16.51 24.25 2.50
N THR C 167 16.66 23.22 3.33
CA THR C 167 17.75 22.30 3.18
C THR C 167 17.32 20.86 3.18
N ILE C 168 18.33 19.98 3.09
CA ILE C 168 18.13 18.55 3.17
C ILE C 168 17.46 18.18 4.48
N ALA C 169 17.53 19.08 5.46
CA ALA C 169 16.84 18.90 6.73
C ALA C 169 15.33 18.94 6.49
N ASP C 170 14.86 19.97 5.81
CA ASP C 170 13.43 20.12 5.58
C ASP C 170 12.98 19.02 4.65
N ILE C 171 13.75 18.84 3.58
CA ILE C 171 13.46 17.87 2.53
C ILE C 171 13.13 16.47 3.07
N SER C 172 13.99 15.99 3.97
CA SER C 172 13.91 14.63 4.54
C SER C 172 12.55 14.19 5.07
N PHE C 173 11.72 15.17 5.44
CA PHE C 173 10.47 14.89 6.12
C PHE C 173 9.38 14.59 5.12
N VAL C 174 9.62 15.04 3.90
CA VAL C 174 8.56 15.15 2.91
C VAL C 174 7.82 13.84 2.58
N SER C 175 8.55 12.79 2.21
CA SER C 175 7.87 11.59 1.73
C SER C 175 7.02 10.93 2.81
N TRP C 176 7.56 10.88 4.02
CA TRP C 176 6.88 10.19 5.11
C TRP C 176 5.65 10.97 5.54
N ASN C 177 5.77 12.30 5.47
CA ASN C 177 4.66 13.19 5.80
C ASN C 177 3.51 13.09 4.80
N ASP C 178 3.85 12.75 3.56
CA ASP C 178 2.85 12.47 2.57
C ASP C 178 2.20 11.12 2.91
N MET C 179 3.06 10.11 3.09
CA MET C 179 2.60 8.74 3.30
C MET C 179 1.68 8.57 4.50
N ILE C 180 1.91 9.37 5.55
CA ILE C 180 1.30 9.11 6.84
C ILE C 180 -0.14 9.59 6.94
N VAL C 181 -0.53 10.53 6.08
CA VAL C 181 -1.83 11.16 6.22
C VAL C 181 -2.94 10.13 6.19
N HIS C 182 -2.79 9.09 5.37
CA HIS C 182 -3.78 8.04 5.20
C HIS C 182 -3.97 7.15 6.44
N PHE C 183 -3.10 7.31 7.41
CA PHE C 183 -3.13 6.46 8.59
C PHE C 183 -3.69 7.19 9.80
N LEU C 184 -4.03 8.46 9.60
CA LEU C 184 -4.62 9.29 10.64
C LEU C 184 -6.12 9.40 10.37
N ASP C 185 -6.92 9.70 11.38
CA ASP C 185 -8.36 9.85 11.17
C ASP C 185 -8.61 11.30 10.85
N ASN C 186 -9.54 11.55 9.92
CA ASN C 186 -9.95 12.92 9.58
C ASN C 186 -8.81 13.92 9.56
N PHE C 187 -7.66 13.50 9.04
CA PHE C 187 -6.48 14.35 9.07
C PHE C 187 -6.61 15.44 8.04
N ASP C 188 -6.73 16.67 8.53
CA ASP C 188 -6.68 17.84 7.67
C ASP C 188 -5.37 18.54 8.01
N PHE C 189 -4.38 18.40 7.14
CA PHE C 189 -3.05 18.91 7.39
C PHE C 189 -3.12 20.41 7.66
N GLU C 190 -3.62 21.16 6.68
CA GLU C 190 -3.59 22.62 6.80
C GLU C 190 -4.42 23.15 7.98
N LYS C 191 -5.48 22.44 8.33
CA LYS C 191 -6.27 22.81 9.50
C LYS C 191 -5.51 22.42 10.78
N GLU C 192 -5.01 21.19 10.82
CA GLU C 192 -4.37 20.68 12.03
C GLU C 192 -2.97 21.26 12.28
N PHE C 193 -2.21 21.52 11.22
CA PHE C 193 -0.86 22.06 11.37
C PHE C 193 -0.49 22.99 10.21
N PRO C 194 -1.02 24.23 10.25
CA PRO C 194 -0.99 25.21 9.15
C PRO C 194 0.41 25.57 8.65
N ALA C 195 1.34 25.87 9.54
CA ALA C 195 2.69 26.24 9.13
C ALA C 195 3.49 25.05 8.56
N THR C 196 3.24 23.86 9.12
CA THR C 196 3.83 22.62 8.63
C THR C 196 3.25 22.17 7.26
N ALA C 197 1.96 22.41 7.04
CA ALA C 197 1.30 22.06 5.77
C ALA C 197 1.81 22.93 4.63
N ALA C 198 1.89 24.23 4.90
CA ALA C 198 2.47 25.18 3.96
C ALA C 198 3.92 24.84 3.67
N TRP C 199 4.67 24.45 4.69
CA TRP C 199 6.09 24.10 4.51
C TRP C 199 6.25 22.85 3.63
N HIS C 200 5.60 21.77 4.02
CA HIS C 200 5.48 20.55 3.20
C HIS C 200 5.01 20.78 1.75
N TYR C 201 3.87 21.44 1.57
CA TYR C 201 3.31 21.65 0.23
C TYR C 201 4.14 22.62 -0.58
N LYS C 202 4.83 23.54 0.08
CA LYS C 202 5.74 24.40 -0.64
C LYS C 202 6.87 23.58 -1.25
N MET C 203 7.35 22.60 -0.52
CA MET C 203 8.48 21.82 -0.98
C MET C 203 8.04 20.85 -2.06
N LEU C 204 6.85 20.28 -1.87
CA LEU C 204 6.35 19.24 -2.77
C LEU C 204 6.02 19.78 -4.16
N LYS C 205 5.82 21.10 -4.23
CA LYS C 205 5.59 21.79 -5.49
C LYS C 205 6.82 21.79 -6.40
N ARG C 206 8.01 21.62 -5.82
CA ARG C 206 9.24 21.78 -6.57
C ARG C 206 9.44 20.65 -7.57
N PRO C 207 9.79 20.99 -8.81
CA PRO C 207 9.93 20.03 -9.92
C PRO C 207 10.98 18.96 -9.62
N THR C 208 11.97 19.30 -8.81
CA THR C 208 12.99 18.37 -8.38
C THR C 208 12.47 17.37 -7.36
N ILE C 209 11.44 17.74 -6.61
CA ILE C 209 10.85 16.80 -5.69
C ILE C 209 9.67 16.08 -6.35
N LYS C 210 8.98 16.80 -7.22
CA LYS C 210 7.74 16.31 -7.80
C LYS C 210 8.01 15.18 -8.78
N ARG C 211 8.89 15.43 -9.74
CA ARG C 211 9.24 14.44 -10.75
C ARG C 211 9.53 13.06 -10.12
N PRO C 212 10.40 13.01 -9.09
CA PRO C 212 10.63 11.71 -8.45
C PRO C 212 9.38 11.21 -7.75
N TRP C 213 8.69 12.10 -7.04
CA TRP C 213 7.53 11.64 -6.28
C TRP C 213 6.43 11.19 -7.20
N ASP C 214 6.34 11.79 -8.39
CA ASP C 214 5.41 11.34 -9.41
C ASP C 214 5.78 9.98 -9.95
N GLU C 215 7.09 9.76 -10.13
CA GLU C 215 7.59 8.47 -10.59
C GLU C 215 7.30 7.43 -9.50
N ARG C 216 7.62 7.81 -8.27
CA ARG C 216 7.30 7.02 -7.10
C ARG C 216 5.87 6.53 -7.19
N ARG C 217 4.96 7.48 -7.41
CA ARG C 217 3.54 7.19 -7.41
C ARG C 217 3.15 6.14 -8.44
N LYS C 218 3.67 6.27 -9.65
CA LYS C 218 3.22 5.43 -10.75
C LYS C 218 3.40 3.94 -10.50
N LEU C 219 4.45 3.57 -9.80
CA LEU C 219 4.76 2.17 -9.58
C LEU C 219 3.73 1.57 -8.65
N MET C 220 3.45 2.27 -7.57
CA MET C 220 2.38 1.91 -6.66
C MET C 220 1.03 1.82 -7.37
N SER C 221 0.89 2.53 -8.48
CA SER C 221 -0.38 2.51 -9.22
C SER C 221 -0.56 1.22 -10.03
N SER D 3 25.20 28.16 36.53
CA SER D 3 25.81 28.10 37.86
C SER D 3 27.23 27.55 37.83
N HIS D 4 27.39 26.30 37.40
CA HIS D 4 28.68 25.61 37.43
C HIS D 4 29.73 26.18 36.49
N ASP D 5 30.85 25.48 36.41
CA ASP D 5 32.04 25.98 35.74
C ASP D 5 32.48 25.06 34.60
N LYS D 6 31.81 23.94 34.45
CA LYS D 6 32.15 22.97 33.41
C LYS D 6 31.85 23.55 32.03
N GLN D 7 32.55 23.07 31.00
CA GLN D 7 32.32 23.55 29.63
C GLN D 7 30.90 23.27 29.13
N PHE D 8 30.36 22.12 29.49
CA PHE D 8 29.09 21.69 28.98
C PHE D 8 28.04 21.47 30.04
N SER D 9 26.80 21.68 29.67
CA SER D 9 25.66 21.22 30.45
C SER D 9 25.00 20.10 29.64
N LEU D 10 24.95 18.92 30.21
CA LEU D 10 24.36 17.76 29.57
C LEU D 10 23.10 17.40 30.33
N PHE D 11 21.96 17.55 29.68
CA PHE D 11 20.68 17.27 30.32
C PHE D 11 20.23 15.86 29.98
N LEU D 12 19.96 15.01 30.96
CA LEU D 12 19.51 13.65 30.68
C LEU D 12 18.54 13.07 31.69
N HIS D 13 17.90 11.97 31.31
CA HIS D 13 17.10 11.19 32.24
C HIS D 13 17.91 9.94 32.63
N LYS D 14 18.04 9.67 33.93
CA LYS D 14 18.94 8.60 34.41
C LYS D 14 18.73 7.20 33.78
N ALA D 15 17.49 6.88 33.43
CA ALA D 15 17.19 5.52 33.00
C ALA D 15 17.39 5.39 31.51
N SER D 16 17.83 6.47 30.89
CA SER D 16 17.82 6.55 29.44
C SER D 16 19.20 6.25 28.87
N ALA D 17 19.24 5.56 27.75
CA ALA D 17 20.53 5.23 27.12
C ALA D 17 21.22 6.40 26.41
N HIS D 18 20.47 7.45 26.10
CA HIS D 18 20.97 8.39 25.10
C HIS D 18 21.93 9.45 25.64
N GLY D 19 21.56 10.03 26.79
CA GLY D 19 22.45 10.95 27.48
C GLY D 19 23.83 10.39 27.85
N TRP D 20 23.85 9.20 28.46
CA TRP D 20 25.11 8.59 28.93
C TRP D 20 26.10 8.44 27.76
N LYS D 21 25.59 7.98 26.62
CA LYS D 21 26.35 7.91 25.37
C LYS D 21 27.20 9.16 25.16
N VAL D 22 26.57 10.30 25.35
CA VAL D 22 27.23 11.59 25.13
C VAL D 22 28.31 11.85 26.18
N ALA D 23 27.99 11.57 27.44
CA ALA D 23 29.00 11.61 28.49
C ALA D 23 30.19 10.70 28.17
N PHE D 24 29.93 9.49 27.65
CA PHE D 24 31.01 8.59 27.21
C PHE D 24 32.02 9.35 26.36
N VAL D 25 31.50 10.05 25.35
CA VAL D 25 32.30 10.82 24.40
C VAL D 25 32.99 12.02 25.04
N LEU D 26 32.27 12.76 25.87
CA LEU D 26 32.88 13.87 26.60
C LEU D 26 34.07 13.39 27.48
N GLU D 27 33.97 12.18 28.03
CA GLU D 27 35.06 11.62 28.85
C GLU D 27 36.27 11.29 27.99
N GLU D 28 36.03 10.51 26.95
CA GLU D 28 37.04 10.19 25.94
C GLU D 28 37.81 11.41 25.43
N LEU D 29 37.17 12.56 25.51
CA LEU D 29 37.77 13.79 25.05
C LEU D 29 38.25 14.62 26.23
N SER D 30 38.07 14.08 27.42
CA SER D 30 38.50 14.73 28.64
C SER D 30 37.90 16.13 28.78
N LEU D 31 36.66 16.28 28.29
CA LEU D 31 35.96 17.55 28.34
C LEU D 31 35.12 17.67 29.63
N SER D 32 35.12 18.85 30.28
CA SER D 32 34.28 19.03 31.46
C SER D 32 32.80 19.19 31.10
N TYR D 33 31.96 18.61 31.94
CA TYR D 33 30.53 18.67 31.74
C TYR D 33 29.81 18.48 33.07
N GLU D 34 28.57 18.92 33.13
CA GLU D 34 27.75 18.79 34.31
C GLU D 34 26.47 18.10 33.89
N ILE D 35 26.27 16.89 34.38
CA ILE D 35 25.01 16.21 34.14
C ILE D 35 23.88 16.98 34.81
N VAL D 36 22.87 17.35 34.04
CA VAL D 36 21.68 17.96 34.62
C VAL D 36 20.52 16.99 34.44
N LEU D 37 19.94 16.57 35.55
CA LEU D 37 18.91 15.54 35.53
C LEU D 37 17.53 16.11 35.23
N VAL D 38 16.84 15.49 34.28
CA VAL D 38 15.50 15.86 33.92
C VAL D 38 14.68 14.61 34.16
N ASP D 39 13.89 14.60 35.23
CA ASP D 39 13.24 13.36 35.66
C ASP D 39 11.98 13.07 34.85
N VAL D 40 12.17 12.29 33.79
CA VAL D 40 11.10 11.94 32.86
C VAL D 40 9.93 11.20 33.53
N ALA D 41 10.19 10.53 34.66
CA ALA D 41 9.10 9.93 35.43
C ALA D 41 8.29 11.00 36.17
N LYS D 42 8.70 12.26 36.02
CA LYS D 42 7.99 13.37 36.67
C LYS D 42 7.53 14.30 35.59
N ASN D 43 7.78 13.89 34.36
CA ASN D 43 7.42 14.61 33.15
C ASN D 43 8.18 15.93 32.95
N GLU D 44 9.36 16.04 33.55
CA GLU D 44 10.12 17.28 33.48
C GLU D 44 10.59 17.61 32.06
N GLN D 45 10.47 16.64 31.14
CA GLN D 45 10.83 16.87 29.73
C GLN D 45 9.79 17.67 28.94
N LYS D 46 8.55 17.72 29.44
CA LYS D 46 7.52 18.60 28.88
C LYS D 46 7.50 19.97 29.54
N SER D 47 8.47 20.23 30.41
CA SER D 47 8.54 21.54 31.05
C SER D 47 8.92 22.59 30.02
N PRO D 48 8.21 23.75 30.06
CA PRO D 48 8.48 24.95 29.27
C PRO D 48 9.97 25.28 29.19
N GLU D 49 10.65 25.18 30.32
CA GLU D 49 12.09 25.38 30.38
C GLU D 49 12.87 24.42 29.48
N PHE D 50 12.58 23.12 29.57
CA PHE D 50 13.34 22.15 28.78
C PHE D 50 12.92 22.16 27.29
N MET D 51 11.66 22.44 27.02
CA MET D 51 11.21 22.55 25.63
C MET D 51 11.77 23.79 24.96
N LYS D 52 12.45 24.63 25.73
CA LYS D 52 13.21 25.77 25.22
C LYS D 52 14.55 25.28 24.70
N LEU D 53 15.07 24.24 25.35
CA LEU D 53 16.30 23.58 24.92
C LEU D 53 15.99 22.64 23.78
N ASN D 54 14.89 21.90 23.92
CA ASN D 54 14.50 20.93 22.92
C ASN D 54 13.02 20.90 22.63
N PRO D 55 12.60 21.48 21.48
CA PRO D 55 11.20 21.52 21.04
C PRO D 55 10.51 20.14 20.95
N ASN D 56 11.30 19.09 20.79
CA ASN D 56 10.78 17.73 20.79
C ASN D 56 10.44 17.23 22.20
N GLY D 57 10.89 17.95 23.22
CA GLY D 57 10.49 17.60 24.57
C GLY D 57 10.91 16.17 24.93
N ARG D 58 12.08 15.77 24.43
CA ARG D 58 12.71 14.51 24.83
C ARG D 58 14.18 14.79 25.17
N THR D 59 14.75 13.95 26.03
CA THR D 59 16.13 14.08 26.49
C THR D 59 17.00 13.15 25.66
N PRO D 60 18.30 13.46 25.46
CA PRO D 60 19.07 14.51 26.14
C PRO D 60 19.17 15.79 25.33
N ALA D 61 19.88 16.76 25.90
CA ALA D 61 20.19 18.00 25.21
C ALA D 61 21.54 18.44 25.75
N LEU D 62 22.16 19.40 25.07
CA LEU D 62 23.51 19.79 25.37
C LEU D 62 23.59 21.29 25.27
N ILE D 63 24.17 21.96 26.26
CA ILE D 63 24.51 23.36 26.08
C ILE D 63 26.01 23.47 26.10
N ASP D 64 26.59 24.17 25.13
CA ASP D 64 28.03 24.32 25.08
C ASP D 64 28.46 25.71 25.54
N HIS D 65 28.90 25.80 26.80
CA HIS D 65 29.32 27.08 27.36
C HIS D 65 30.68 27.54 26.82
N GLY D 66 31.41 26.63 26.17
CA GLY D 66 32.62 27.02 25.47
C GLY D 66 32.31 27.73 24.16
N ASN D 67 31.09 27.55 23.68
CA ASN D 67 30.71 28.08 22.38
C ASN D 67 29.46 28.98 22.46
N SER D 68 29.47 29.91 23.40
CA SER D 68 28.41 30.89 23.57
C SER D 68 27.03 30.28 23.79
N ASP D 69 27.00 29.16 24.52
CA ASP D 69 25.77 28.47 24.91
C ASP D 69 25.01 27.90 23.71
N PHE D 70 25.77 27.31 22.80
CA PHE D 70 25.18 26.66 21.64
C PHE D 70 24.36 25.47 22.11
N VAL D 71 23.11 25.40 21.69
CA VAL D 71 22.25 24.31 22.10
C VAL D 71 22.08 23.28 20.98
N ILE D 72 22.17 22.02 21.37
CA ILE D 72 21.96 20.95 20.41
C ILE D 72 21.38 19.73 21.12
N TRP D 73 20.37 19.14 20.50
CA TRP D 73 19.76 17.93 21.03
C TRP D 73 19.83 16.83 19.98
N GLU D 74 19.26 15.67 20.26
CA GLU D 74 19.45 14.44 19.46
C GLU D 74 20.82 13.88 19.79
N SER D 75 20.84 12.77 20.53
CA SER D 75 22.08 12.28 21.14
C SER D 75 23.21 12.14 20.13
N ASN D 76 22.91 11.48 19.03
CA ASN D 76 23.92 11.21 18.01
C ASN D 76 24.46 12.49 17.37
N ALA D 77 23.63 13.52 17.25
CA ALA D 77 24.08 14.75 16.62
C ALA D 77 24.85 15.58 17.63
N MET D 78 24.40 15.51 18.88
CA MET D 78 25.14 16.07 20.01
C MET D 78 26.54 15.47 20.03
N VAL D 79 26.61 14.17 19.85
CA VAL D 79 27.90 13.49 19.76
C VAL D 79 28.72 13.99 18.55
N GLN D 80 28.10 14.04 17.38
CA GLN D 80 28.82 14.38 16.19
C GLN D 80 29.45 15.76 16.34
N TYR D 81 28.68 16.67 16.92
CA TYR D 81 29.15 18.02 17.15
C TYR D 81 30.36 18.02 18.09
N VAL D 82 30.28 17.23 19.16
CA VAL D 82 31.34 17.20 20.19
C VAL D 82 32.67 16.68 19.66
N ALA D 83 32.62 15.54 18.98
CA ALA D 83 33.77 14.96 18.29
C ALA D 83 34.38 15.92 17.25
N ASP D 84 33.62 16.32 16.24
CA ASP D 84 34.17 17.08 15.13
C ASP D 84 34.83 18.38 15.61
N LYS D 85 34.22 19.00 16.60
CA LYS D 85 34.71 20.26 17.13
C LYS D 85 35.88 20.07 18.10
N TYR D 86 35.85 19.02 18.92
CA TYR D 86 36.87 18.87 19.97
C TYR D 86 37.83 17.66 19.88
N ASP D 87 37.47 16.59 19.18
CA ASP D 87 38.42 15.50 18.96
C ASP D 87 39.44 15.86 17.86
N THR D 88 40.31 16.84 18.16
CA THR D 88 41.15 17.42 17.12
C THR D 88 42.12 16.43 16.50
N GLU D 89 42.65 15.53 17.35
CA GLU D 89 43.64 14.55 16.91
C GLU D 89 42.98 13.24 16.50
N ARG D 90 41.66 13.28 16.41
CA ARG D 90 40.87 12.16 15.96
C ARG D 90 41.15 10.89 16.78
N LYS D 91 41.25 11.02 18.09
CA LYS D 91 41.44 9.86 18.95
C LYS D 91 40.36 8.81 18.72
N ILE D 92 39.11 9.25 18.60
CA ILE D 92 37.99 8.31 18.56
C ILE D 92 37.01 8.69 17.46
N SER D 93 37.54 9.29 16.40
CA SER D 93 36.68 9.80 15.36
C SER D 93 37.44 10.00 14.05
N MET D 94 36.70 10.02 12.95
CA MET D 94 37.28 10.07 11.63
C MET D 94 37.18 11.48 11.13
N ALA D 95 38.25 11.94 10.48
CA ALA D 95 38.31 13.31 10.01
C ALA D 95 37.18 13.63 9.03
N PRO D 96 36.56 14.81 9.20
CA PRO D 96 35.56 15.37 8.29
C PRO D 96 36.01 15.38 6.84
N GLY D 97 35.05 15.26 5.93
CA GLY D 97 35.34 15.34 4.50
C GLY D 97 35.59 14.00 3.83
N THR D 98 36.09 13.03 4.59
CA THR D 98 36.51 11.74 4.03
C THR D 98 35.35 10.77 3.98
N ASP D 99 35.55 9.73 3.18
CA ASP D 99 34.53 8.70 3.03
C ASP D 99 34.22 8.04 4.38
N ASP D 100 35.27 7.74 5.14
CA ASP D 100 35.09 7.08 6.43
C ASP D 100 34.23 7.87 7.43
N PHE D 101 34.25 9.18 7.32
CA PHE D 101 33.39 10.00 8.16
C PHE D 101 31.93 9.66 7.88
N TYR D 102 31.61 9.43 6.60
CA TYR D 102 30.25 9.07 6.19
C TYR D 102 29.92 7.59 6.49
N ILE D 103 30.92 6.71 6.47
CA ILE D 103 30.67 5.36 6.96
C ILE D 103 30.46 5.41 8.46
N GLN D 104 31.19 6.31 9.11
CA GLN D 104 31.00 6.57 10.55
C GLN D 104 29.61 7.12 10.82
N LEU D 105 29.14 7.97 9.91
CA LEU D 105 27.83 8.59 10.06
C LEU D 105 26.77 7.55 9.82
N GLN D 106 27.00 6.74 8.80
CA GLN D 106 26.13 5.62 8.49
C GLN D 106 25.89 4.82 9.75
N TRP D 107 26.97 4.45 10.44
CA TRP D 107 26.83 3.56 11.56
C TRP D 107 26.06 4.20 12.71
N GLN D 108 26.32 5.47 12.96
CA GLN D 108 25.60 6.22 13.97
C GLN D 108 24.08 6.34 13.68
N TYR D 109 23.71 6.49 12.41
CA TYR D 109 22.29 6.47 12.05
C TYR D 109 21.64 5.11 12.28
N PHE D 110 22.41 4.05 12.10
CA PHE D 110 21.87 2.72 12.34
C PHE D 110 21.59 2.58 13.83
N GLN D 111 22.46 3.18 14.63
CA GLN D 111 22.26 3.22 16.06
C GLN D 111 20.99 3.97 16.43
N GLY D 112 20.80 5.16 15.87
CA GLY D 112 19.71 6.03 16.27
C GLY D 112 18.37 5.68 15.66
N THR D 113 18.36 5.21 14.41
CA THR D 113 17.12 4.84 13.74
C THR D 113 16.80 3.36 13.92
N GLY D 114 17.83 2.56 14.18
CA GLY D 114 17.65 1.13 14.20
C GLY D 114 17.74 0.56 15.59
N GLN D 115 18.91 0.61 16.23
CA GLN D 115 19.00 0.11 17.60
C GLN D 115 18.05 0.81 18.55
N GLY D 116 18.32 2.11 18.77
CA GLY D 116 17.54 2.90 19.72
C GLY D 116 16.04 2.69 19.79
N PRO D 117 15.32 3.02 18.71
CA PRO D 117 13.86 3.03 18.73
C PRO D 117 13.27 1.63 18.92
N TYR D 118 13.89 0.63 18.33
CA TYR D 118 13.34 -0.72 18.47
C TYR D 118 13.62 -1.34 19.83
N PHE D 119 14.77 -1.01 20.42
CA PHE D 119 15.03 -1.41 21.79
C PHE D 119 13.98 -0.68 22.59
N GLY D 120 13.84 0.62 22.31
CA GLY D 120 12.89 1.46 23.01
C GLY D 120 11.48 0.89 23.12
N GLN D 121 11.00 0.29 22.02
CA GLN D 121 9.65 -0.29 21.97
C GLN D 121 9.58 -1.64 22.68
N LEU D 122 10.67 -2.41 22.61
CA LEU D 122 10.75 -3.67 23.37
C LEU D 122 10.54 -3.36 24.84
N VAL D 123 11.16 -2.30 25.31
CA VAL D 123 11.08 -1.95 26.72
C VAL D 123 9.70 -1.40 27.05
N TRP D 124 9.16 -0.62 26.12
CA TRP D 124 7.88 0.04 26.35
C TRP D 124 6.75 -0.97 26.54
N PHE D 125 6.66 -1.92 25.62
CA PHE D 125 5.61 -2.92 25.69
C PHE D 125 5.82 -3.90 26.84
N THR D 126 7.08 -4.10 27.23
CA THR D 126 7.35 -4.98 28.33
C THR D 126 6.82 -4.35 29.61
N LEU D 127 7.22 -3.11 29.85
CA LEU D 127 6.97 -2.47 31.14
C LEU D 127 5.84 -1.46 31.19
N TYR D 128 5.82 -0.53 30.23
CA TYR D 128 5.04 0.68 30.36
C TYR D 128 3.74 0.81 29.57
N HIS D 129 3.61 0.09 28.46
CA HIS D 129 2.37 0.18 27.69
C HIS D 129 1.23 -0.29 28.58
N GLU D 130 0.23 0.58 28.74
CA GLU D 130 -0.91 0.37 29.63
C GLU D 130 -1.66 -0.94 29.45
N GLU D 131 -1.19 -1.78 28.54
CA GLU D 131 -1.85 -3.02 28.20
C GLU D 131 -0.73 -4.01 27.98
N LYS D 132 -0.85 -5.18 28.57
CA LYS D 132 0.18 -6.20 28.44
C LYS D 132 -0.15 -7.08 27.24
N ILE D 133 0.69 -6.99 26.19
CA ILE D 133 0.37 -7.57 24.88
C ILE D 133 1.50 -8.43 24.29
N PRO D 134 1.32 -9.76 24.30
CA PRO D 134 2.43 -10.67 23.98
C PRO D 134 2.96 -10.52 22.56
N SER D 135 2.09 -10.41 21.58
CA SER D 135 2.49 -10.30 20.19
C SER D 135 3.32 -9.04 19.88
N ALA D 136 3.01 -7.93 20.53
CA ALA D 136 3.82 -6.73 20.37
C ALA D 136 5.18 -6.88 21.04
N VAL D 137 5.18 -7.53 22.20
CA VAL D 137 6.43 -7.77 22.93
C VAL D 137 7.34 -8.71 22.12
N THR D 138 6.74 -9.72 21.50
CA THR D 138 7.45 -10.71 20.69
C THR D 138 8.00 -10.09 19.42
N ARG D 139 7.31 -9.07 18.93
CA ARG D 139 7.74 -8.35 17.72
C ARG D 139 9.08 -7.62 17.92
N TYR D 140 9.17 -6.83 18.99
CA TYR D 140 10.34 -5.99 19.15
C TYR D 140 11.50 -6.71 19.80
N LYS D 141 11.20 -7.85 20.44
CA LYS D 141 12.22 -8.83 20.81
C LYS D 141 12.94 -9.32 19.54
N GLU D 142 12.17 -9.83 18.58
CA GLU D 142 12.77 -10.31 17.34
C GLU D 142 13.54 -9.20 16.65
N GLU D 143 12.92 -8.02 16.57
CA GLU D 143 13.57 -6.88 15.95
C GLU D 143 14.83 -6.40 16.70
N ALA D 144 14.90 -6.67 18.00
CA ALA D 144 16.11 -6.35 18.76
C ALA D 144 17.23 -7.33 18.43
N LEU D 145 16.87 -8.62 18.45
CA LEU D 145 17.79 -9.69 18.05
C LEU D 145 18.39 -9.36 16.70
N ARG D 146 17.52 -9.06 15.74
CA ARG D 146 17.92 -8.78 14.37
C ARG D 146 19.03 -7.76 14.37
N VAL D 147 18.82 -6.66 15.09
CA VAL D 147 19.83 -5.61 15.24
C VAL D 147 21.20 -6.18 15.65
N PHE D 148 21.19 -7.15 16.54
CA PHE D 148 22.44 -7.73 16.99
C PHE D 148 23.14 -8.47 15.83
N SER D 149 22.36 -9.27 15.11
CA SER D 149 22.87 -10.05 13.98
C SER D 149 23.53 -9.19 12.92
N VAL D 150 23.06 -7.95 12.81
CA VAL D 150 23.61 -6.99 11.87
C VAL D 150 25.01 -6.56 12.31
N LEU D 151 25.10 -6.21 13.59
CA LEU D 151 26.36 -5.86 14.20
C LEU D 151 27.36 -7.02 14.15
N GLU D 152 26.85 -8.25 14.25
CA GLU D 152 27.70 -9.45 14.25
C GLU D 152 28.21 -9.79 12.83
N ARG D 153 27.36 -9.51 11.84
CA ARG D 153 27.72 -9.64 10.44
C ARG D 153 29.05 -8.94 10.13
N VAL D 154 29.23 -7.73 10.66
CA VAL D 154 30.38 -6.89 10.36
C VAL D 154 31.55 -7.07 11.32
N LEU D 155 31.23 -7.22 12.59
CA LEU D 155 32.26 -7.24 13.63
C LEU D 155 32.98 -8.59 13.71
N SER D 156 32.33 -9.64 13.22
CA SER D 156 32.94 -10.96 13.23
C SER D 156 34.01 -11.05 12.15
N ASN D 157 34.24 -9.94 11.45
CA ASN D 157 35.23 -9.93 10.38
C ASN D 157 36.15 -8.71 10.40
N GLN D 158 35.95 -7.84 11.38
CA GLN D 158 36.80 -6.66 11.53
C GLN D 158 36.70 -6.13 12.94
N GLU D 159 37.74 -5.44 13.38
CA GLU D 159 37.87 -5.09 14.78
C GLU D 159 36.80 -4.06 15.15
N TRP D 160 36.77 -2.97 14.41
CA TRP D 160 35.82 -1.91 14.71
C TRP D 160 34.98 -1.66 13.48
N LEU D 161 33.93 -0.86 13.63
CA LEU D 161 33.02 -0.61 12.53
C LEU D 161 33.68 0.15 11.37
N VAL D 162 34.41 1.23 11.68
CA VAL D 162 35.05 2.04 10.63
C VAL D 162 36.42 2.66 11.01
N GLY D 163 37.41 2.42 10.16
CA GLY D 163 38.70 3.05 10.30
C GLY D 163 39.75 2.20 10.97
N GLY D 164 39.36 1.05 11.51
CA GLY D 164 40.26 0.19 12.28
C GLY D 164 40.56 0.69 13.69
N LYS D 165 39.75 1.61 14.20
CA LYS D 165 39.91 2.12 15.55
C LYS D 165 38.51 2.35 16.12
N MET D 166 38.37 2.16 17.42
CA MET D 166 37.12 2.47 18.09
C MET D 166 36.78 3.92 17.84
N THR D 167 35.56 4.17 17.40
CA THR D 167 35.07 5.52 17.27
C THR D 167 33.73 5.67 17.97
N ILE D 168 33.21 6.90 17.91
CA ILE D 168 31.87 7.25 18.39
C ILE D 168 30.79 6.34 17.80
N ALA D 169 31.06 5.80 16.61
CA ALA D 169 30.14 4.89 15.95
C ALA D 169 29.99 3.66 16.80
N ASP D 170 31.13 3.15 17.29
CA ASP D 170 31.17 1.96 18.14
C ASP D 170 30.57 2.26 19.50
N ILE D 171 31.07 3.32 20.10
CA ILE D 171 30.63 3.77 21.41
C ILE D 171 29.11 3.93 21.48
N SER D 172 28.51 4.33 20.37
CA SER D 172 27.09 4.66 20.35
C SER D 172 26.13 3.52 20.68
N PHE D 173 26.56 2.27 20.58
CA PHE D 173 25.68 1.13 20.83
C PHE D 173 25.77 0.64 22.28
N VAL D 174 26.79 1.09 22.98
CA VAL D 174 27.14 0.53 24.26
C VAL D 174 26.05 0.59 25.33
N SER D 175 25.44 1.77 25.49
CA SER D 175 24.52 1.98 26.61
C SER D 175 23.25 1.16 26.47
N TRP D 176 22.64 1.22 25.29
CA TRP D 176 21.51 0.37 24.97
C TRP D 176 21.83 -1.13 25.05
N ASN D 177 22.93 -1.55 24.44
CA ASN D 177 23.32 -2.95 24.56
C ASN D 177 23.49 -3.48 25.99
N ASP D 178 24.07 -2.69 26.88
CA ASP D 178 24.14 -3.09 28.27
C ASP D 178 22.72 -3.20 28.81
N MET D 179 21.86 -2.27 28.42
CA MET D 179 20.51 -2.19 28.98
C MET D 179 19.57 -3.31 28.46
N ILE D 180 19.61 -3.55 27.16
CA ILE D 180 18.69 -4.47 26.51
C ILE D 180 18.80 -5.96 26.95
N VAL D 181 19.89 -6.35 27.59
CA VAL D 181 20.09 -7.76 27.95
C VAL D 181 19.05 -8.29 28.95
N HIS D 182 18.57 -7.41 29.83
CA HIS D 182 17.60 -7.84 30.83
C HIS D 182 16.23 -8.12 30.21
N PHE D 183 16.00 -7.54 29.03
CA PHE D 183 14.72 -7.61 28.32
C PHE D 183 14.63 -8.73 27.30
N LEU D 184 15.71 -9.50 27.16
CA LEU D 184 15.75 -10.68 26.30
C LEU D 184 15.78 -11.91 27.19
N ASP D 185 15.06 -12.95 26.78
CA ASP D 185 14.88 -14.13 27.63
C ASP D 185 16.04 -15.12 27.54
N ASN D 186 16.63 -15.45 28.69
CA ASN D 186 17.80 -16.32 28.76
C ASN D 186 18.85 -15.93 27.76
N PHE D 187 19.10 -14.64 27.68
CA PHE D 187 20.04 -14.13 26.70
C PHE D 187 21.45 -14.34 27.20
N ASP D 188 22.19 -15.20 26.50
CA ASP D 188 23.62 -15.28 26.70
C ASP D 188 24.30 -14.54 25.55
N PHE D 189 24.69 -13.29 25.81
CA PHE D 189 25.33 -12.39 24.86
C PHE D 189 26.49 -13.03 24.11
N GLU D 190 27.46 -13.54 24.87
CA GLU D 190 28.69 -14.07 24.30
C GLU D 190 28.45 -15.32 23.44
N LYS D 191 27.36 -16.01 23.75
CA LYS D 191 27.01 -17.24 23.04
C LYS D 191 26.38 -16.86 21.72
N GLU D 192 25.24 -16.19 21.79
CA GLU D 192 24.50 -15.75 20.61
C GLU D 192 25.36 -14.93 19.62
N PHE D 193 26.05 -13.91 20.11
CA PHE D 193 26.84 -13.02 19.26
C PHE D 193 28.23 -12.75 19.86
N PRO D 194 29.15 -13.70 19.69
CA PRO D 194 30.47 -13.59 20.32
C PRO D 194 31.31 -12.37 19.91
N ALA D 195 31.17 -11.88 18.68
CA ALA D 195 31.94 -10.70 18.29
C ALA D 195 31.32 -9.41 18.84
N THR D 196 30.00 -9.34 18.88
CA THR D 196 29.36 -8.16 19.41
C THR D 196 29.61 -8.08 20.89
N ALA D 197 29.48 -9.21 21.58
CA ALA D 197 29.78 -9.30 23.01
C ALA D 197 31.15 -8.73 23.34
N ALA D 198 32.19 -9.31 22.74
CA ALA D 198 33.57 -8.93 23.04
C ALA D 198 33.85 -7.45 22.79
N TRP D 199 33.39 -6.99 21.62
CA TRP D 199 33.48 -5.60 21.20
C TRP D 199 32.78 -4.69 22.22
N HIS D 200 31.68 -5.20 22.76
CA HIS D 200 30.91 -4.45 23.74
C HIS D 200 31.59 -4.39 25.10
N TYR D 201 32.00 -5.54 25.63
CA TYR D 201 32.65 -5.55 26.96
C TYR D 201 34.01 -4.88 26.96
N LYS D 202 34.71 -4.92 25.84
CA LYS D 202 35.98 -4.21 25.72
C LYS D 202 35.79 -2.71 25.89
N MET D 203 34.71 -2.19 25.36
CA MET D 203 34.46 -0.76 25.46
C MET D 203 33.87 -0.43 26.81
N LEU D 204 33.05 -1.33 27.33
CA LEU D 204 32.41 -1.17 28.63
C LEU D 204 33.44 -1.08 29.74
N LYS D 205 34.53 -1.83 29.60
CA LYS D 205 35.63 -1.81 30.57
C LYS D 205 36.30 -0.45 30.63
N ARG D 206 36.46 0.19 29.47
CA ARG D 206 37.15 1.47 29.41
C ARG D 206 36.73 2.43 30.52
N PRO D 207 37.73 3.00 31.23
CA PRO D 207 37.48 3.81 32.43
C PRO D 207 36.74 5.12 32.12
N THR D 208 36.93 5.61 30.89
CA THR D 208 36.24 6.77 30.37
C THR D 208 34.75 6.48 30.11
N ILE D 209 34.44 5.20 29.98
CA ILE D 209 33.07 4.75 29.81
C ILE D 209 32.58 4.21 31.13
N LYS D 210 33.48 3.58 31.88
CA LYS D 210 33.12 3.08 33.21
C LYS D 210 32.65 4.19 34.14
N ARG D 211 33.42 5.27 34.24
CA ARG D 211 33.05 6.40 35.11
C ARG D 211 31.61 6.91 34.93
N PRO D 212 31.20 7.22 33.68
CA PRO D 212 29.81 7.62 33.52
C PRO D 212 28.83 6.49 33.89
N TRP D 213 29.18 5.26 33.54
CA TRP D 213 28.23 4.16 33.67
C TRP D 213 28.05 3.82 35.13
N ASP D 214 29.05 4.17 35.93
CA ASP D 214 29.01 4.00 37.37
C ASP D 214 28.13 5.04 38.04
N GLU D 215 28.17 6.28 37.55
CA GLU D 215 27.30 7.32 38.08
C GLU D 215 25.86 6.93 37.79
N ARG D 216 25.62 6.40 36.60
CA ARG D 216 24.32 5.87 36.24
C ARG D 216 23.90 4.80 37.21
N ARG D 217 24.81 3.88 37.46
CA ARG D 217 24.54 2.77 38.35
C ARG D 217 24.19 3.30 39.72
N LYS D 218 24.90 4.35 40.13
CA LYS D 218 24.67 5.00 41.42
C LYS D 218 23.32 5.74 41.45
N LEU D 219 22.90 6.32 40.32
CA LEU D 219 21.59 6.95 40.25
C LEU D 219 20.46 5.92 40.16
N MET D 220 20.74 4.78 39.53
CA MET D 220 19.72 3.77 39.36
C MET D 220 19.55 2.95 40.65
N SER D 221 20.30 3.33 41.69
CA SER D 221 20.08 2.84 43.05
C SER D 221 20.05 3.98 44.08
N1 GDS E . -23.55 -4.40 -13.03
CA1 GDS E . -24.90 -3.84 -13.25
C1 GDS E . -25.68 -4.67 -14.30
OE1 GDS E . -25.05 -5.02 -15.34
OE2 GDS E . -26.86 -4.94 -14.05
CB1 GDS E . -24.83 -2.40 -13.75
CG1 GDS E . -26.16 -1.74 -13.44
CD1 GDS E . -26.09 -0.25 -13.74
O1 GDS E . -25.04 0.35 -14.00
N2 GDS E . -27.32 0.43 -13.68
CA2 GDS E . -27.40 1.86 -13.94
C2 GDS E . -28.24 2.52 -12.82
O2 GDS E . -29.26 1.96 -12.39
CB2 GDS E . -28.11 2.04 -15.27
SG2 GDS E . -28.67 3.74 -15.34
N3 GDS E . -27.81 3.71 -12.33
CA3 GDS E . -28.59 4.34 -11.26
C3 GDS E . -27.89 4.30 -9.94
OE3 GDS E . -26.79 3.67 -9.93
OE4 GDS E . -28.38 4.85 -8.97
N4 GDS E . -24.05 6.34 -13.60
CA4 GDS E . -23.06 6.15 -12.56
C4 GDS E . -22.05 5.11 -13.03
OE5 GDS E . -22.26 4.61 -14.18
OE6 GDS E . -21.13 4.82 -12.28
C5 GDS E . -25.16 5.59 -13.56
O5 GDS E . -25.31 4.73 -12.67
CA5 GDS E . -26.24 5.77 -14.66
N5 GDS E . -26.33 7.16 -15.14
CB5 GDS E . -25.85 4.88 -15.81
SG5 GDS E . -27.35 4.55 -16.76
CA6 GDS E . -28.67 11.32 -15.20
C6 GDS E . -30.18 11.53 -15.19
OE7 GDS E . -30.86 10.55 -15.60
OE8 GDS E . -30.62 12.60 -14.78
N6 GDS E . -28.05 11.72 -13.91
CB6 GDS E . -28.39 9.83 -15.52
CG6 GDS E . -26.97 9.52 -15.02
CD6 GDS E . -26.94 8.14 -14.40
O6 GDS E . -27.40 7.88 -13.29
CL CL F . 13.86 2.15 0.52
N1 GDS G . 8.21 5.20 33.63
CA1 GDS G . 9.34 5.40 32.72
C1 GDS G . 10.46 6.27 33.37
OE1 GDS G . 11.61 5.77 33.47
OE2 GDS G . 10.13 7.38 33.78
CB1 GDS G . 8.84 6.09 31.46
CG1 GDS G . 9.17 5.19 30.25
CD1 GDS G . 9.70 6.10 29.20
O1 GDS G . 9.24 7.23 28.97
N2 GDS G . 10.77 5.67 28.44
CA2 GDS G . 11.26 6.61 27.45
C2 GDS G . 10.38 6.66 26.21
O2 GDS G . 10.34 7.68 25.52
CB2 GDS G . 12.69 6.27 27.05
SG2 GDS G . 13.76 6.68 28.47
N3 GDS G . 9.64 5.55 25.92
CA3 GDS G . 8.80 5.58 24.71
C3 GDS G . 9.60 5.26 23.44
OE3 GDS G . 8.91 4.92 22.44
OE4 GDS G . 10.81 5.35 23.46
N4 GDS G . 11.38 9.97 26.63
CA4 GDS G . 10.25 10.77 27.14
C4 GDS G . 9.24 11.17 26.04
OE5 GDS G . 8.39 12.04 26.37
OE6 GDS G . 9.31 10.63 24.94
C5 GDS G . 12.58 10.57 26.46
O5 GDS G . 12.76 11.78 26.71
CA5 GDS G . 13.74 9.73 25.94
N5 GDS G . 14.48 10.50 24.92
CB5 GDS G . 14.71 9.37 27.05
SG5 GDS G . 13.77 8.78 28.50
CA6 GDS G . 16.57 10.76 20.43
C6 GDS G . 18.03 10.80 20.93
OE7 GDS G . 18.72 9.77 20.69
OE8 GDS G . 18.43 11.82 21.50
N6 GDS G . 16.48 10.23 19.11
CB6 GDS G . 15.77 9.88 21.40
CG6 GDS G . 15.56 10.71 22.70
CD6 GDS G . 14.79 9.89 23.71
O6 GDS G . 14.43 8.73 23.53
#